data_4QME
#
_entry.id   4QME
#
_cell.length_a   224.000
_cell.length_b   224.000
_cell.length_c   57.872
_cell.angle_alpha   90.00
_cell.angle_beta   90.00
_cell.angle_gamma   120.00
#
_symmetry.space_group_name_H-M   'H 3'
#
loop_
_entity.id
_entity.type
_entity.pdbx_description
1 polymer 'Aminopeptidase N'
2 non-polymer '(2S)-3-[(S)-[(1R)-1-amino-3-phenylpropyl](hydroxy)phosphoryl]-2-benzylpropanoic acid'
3 non-polymer 'ZINC ION'
4 non-polymer GLYCEROL
5 non-polymer IMIDAZOLE
6 non-polymer 'SULFATE ION'
7 water water
#
_entity_poly.entity_id   1
_entity_poly.type   'polypeptide(L)'
_entity_poly.pdbx_seq_one_letter_code
;SKTVHYLKDYQTPAYHILKTDLHFDINEPQTVVKSRLTVEPQRVGEPLVLDGSAKLLSVKINGAAADYVLEGETLTIAGV
PSERFTVEVETEILPAENKSL(MSE)GLYASGGNLFTQCEPEGFRKITFYIDRPDV(MSE)SKFTTTIVADKKRYPVLLS
NGNKIDGGEFSDGRHWVKWEDPFSKPSYLFALVAGDLAVTEDYFTT(MSE)SGRNVKIEFYTTEADKPKVGFAVESLKNA
(MSE)KWDETRFGLEYDLDIF(MSE)VVAVGDFN(MSE)GA(MSE)ENKGLNIFNTKFVLADSRTATDTDFEGIESVVGH
EYFHNWTGNRVTCRDWFQLSLKEGLTVFRDQEFSGDRASRAVRRIENIRLLRQHQFPEDAGPTAHPVRPASYEE(MSE)N
NFYT(MSE)TVYEKGAEVVR(MSE)YHTLLGEEGFQKG(MSE)KLYFQRHDGQAVTCDDFRAA(MSE)ADANGINLDQFA
LWYSQAGTPVLEAEGRLKNNIFELTVKQTVPPTPD(MSE)TDKQP(MSE)(MSE)IPVKVGLLNRNGEAVAFDYQGKRAT
EAVLLLTEAEQTFLLEGVTEAVVPSLLRGFSAPVHLNYPYSDDDLLLLLAHDSDAFTRWEAAQTLYRRAVAANLATLSDG
VELPKHEKLLAAVEKVISDDLLDNAFKALLLGVPSEAELWDGAENIDPLRYHQAREALLDTLAVHFLPKWHELNRQAAKQ
ENQSYEYSPEAAGWRTLRNVCRAFVLRADPAHIETVAEKYGE(MSE)AQN(MSE)THEWGILSAVNGNESDTRNRLLAQF
ADKFSDDALV(MSE)DKYFALVGSSRRSDTLQQVRTALQHPKFSLENPNKARSLIGSFSRNVPHFHAEDGSGYRFIADKV
IEIDRFNPQVAARLVQAFNLCNKLEPHRKNLVKQALQRIRAQEGLSKDVGEIVGKILD
;
_entity_poly.pdbx_strand_id   A
#
loop_
_chem_comp.id
_chem_comp.type
_chem_comp.name
_chem_comp.formula
37B non-polymer '(2S)-3-[(S)-[(1R)-1-amino-3-phenylpropyl](hydroxy)phosphoryl]-2-benzylpropanoic acid' 'C19 H24 N O4 P'
GOL non-polymer GLYCEROL 'C3 H8 O3'
IMD non-polymer IMIDAZOLE 'C3 H5 N2 1'
SO4 non-polymer 'SULFATE ION' 'O4 S -2'
ZN non-polymer 'ZINC ION' 'Zn 2'
#
# COMPACT_ATOMS: atom_id res chain seq x y z
N SER A 1 -30.30 13.52 1.62
CA SER A 1 -29.98 13.83 0.23
C SER A 1 -28.49 13.62 -0.07
N LYS A 2 -27.72 13.24 0.94
CA LYS A 2 -26.31 12.91 0.72
C LYS A 2 -26.20 11.66 -0.15
N THR A 3 -25.30 11.66 -1.13
CA THR A 3 -25.24 10.59 -2.11
C THR A 3 -24.38 9.42 -1.63
N VAL A 4 -25.02 8.25 -1.51
CA VAL A 4 -24.34 6.98 -1.23
C VAL A 4 -24.50 6.08 -2.42
N HIS A 5 -23.43 5.40 -2.79
CA HIS A 5 -23.41 4.46 -3.89
C HIS A 5 -23.51 3.06 -3.32
N TYR A 6 -24.47 2.27 -3.84
CA TYR A 6 -24.70 0.91 -3.38
C TYR A 6 -24.46 -0.12 -4.46
N LEU A 7 -23.70 -1.15 -4.12
CA LEU A 7 -23.43 -2.26 -5.03
C LEU A 7 -24.72 -2.94 -5.49
N LYS A 8 -25.67 -3.09 -4.59
CA LYS A 8 -26.93 -3.73 -4.93
C LYS A 8 -27.69 -3.00 -6.04
N ASP A 9 -27.35 -1.74 -6.27
CA ASP A 9 -28.08 -0.92 -7.23
C ASP A 9 -27.41 -0.95 -8.60
N TYR A 10 -26.34 -1.72 -8.78
CA TYR A 10 -25.67 -1.75 -10.07
C TYR A 10 -26.62 -2.06 -11.22
N GLN A 11 -26.51 -1.28 -12.29
CA GLN A 11 -27.20 -1.54 -13.55
C GLN A 11 -26.25 -1.27 -14.69
N THR A 12 -26.35 -2.06 -15.76
CA THR A 12 -25.50 -1.83 -16.92
C THR A 12 -25.80 -0.47 -17.51
N PRO A 13 -24.82 0.11 -18.19
CA PRO A 13 -25.03 1.48 -18.65
C PRO A 13 -26.02 1.57 -19.81
N ALA A 14 -26.71 2.70 -19.86
CA ALA A 14 -27.66 2.94 -20.91
C ALA A 14 -27.01 3.16 -22.25
N TYR A 15 -25.76 3.66 -22.21
CA TYR A 15 -24.98 3.94 -23.41
C TYR A 15 -23.58 3.36 -23.31
N HIS A 16 -23.10 2.88 -24.44
CA HIS A 16 -21.69 2.57 -24.58
C HIS A 16 -20.99 3.63 -25.40
N ILE A 17 -19.69 3.71 -25.23
CA ILE A 17 -18.85 4.59 -26.03
C ILE A 17 -17.89 3.71 -26.77
N LEU A 18 -18.03 3.68 -28.09
CA LEU A 18 -17.21 2.81 -28.93
C LEU A 18 -15.87 3.43 -29.25
N LYS A 19 -15.85 4.73 -29.48
CA LYS A 19 -14.65 5.47 -29.85
C LYS A 19 -14.57 6.78 -29.12
N THR A 20 -13.39 7.11 -28.66
CA THR A 20 -13.12 8.37 -27.93
C THR A 20 -11.97 9.04 -28.64
N ASP A 21 -12.26 10.12 -29.33
CA ASP A 21 -11.25 10.89 -30.05
C ASP A 21 -11.02 12.18 -29.27
N LEU A 22 -9.79 12.42 -28.83
CA LEU A 22 -9.49 13.59 -28.00
C LEU A 22 -8.49 14.51 -28.67
N HIS A 23 -8.62 15.82 -28.39
CA HIS A 23 -7.70 16.84 -28.89
C HIS A 23 -7.38 17.78 -27.76
N PHE A 24 -6.11 17.88 -27.40
CA PHE A 24 -5.64 18.79 -26.37
C PHE A 24 -4.83 19.92 -26.98
N ASP A 25 -5.28 21.15 -26.79
CA ASP A 25 -4.56 22.36 -27.23
C ASP A 25 -4.01 23.03 -25.99
N ILE A 26 -2.71 22.84 -25.72
CA ILE A 26 -2.08 23.34 -24.51
C ILE A 26 -1.53 24.75 -24.74
N ASN A 27 -1.99 25.69 -23.92
CA ASN A 27 -1.58 27.10 -24.02
C ASN A 27 -1.22 27.60 -22.62
N GLU A 28 -0.89 28.89 -22.52
CA GLU A 28 -0.57 29.50 -21.24
C GLU A 28 -1.63 30.53 -20.96
N PRO A 29 -2.44 30.32 -19.92
CA PRO A 29 -2.44 29.26 -18.92
C PRO A 29 -3.38 28.10 -19.22
N GLN A 30 -4.27 28.24 -20.21
CA GLN A 30 -5.36 27.28 -20.37
C GLN A 30 -5.06 26.16 -21.36
N THR A 31 -5.64 24.99 -21.10
CA THR A 31 -5.68 23.90 -22.05
C THR A 31 -7.15 23.71 -22.45
N VAL A 32 -7.37 23.67 -23.75
CA VAL A 32 -8.68 23.40 -24.33
C VAL A 32 -8.71 21.97 -24.83
N VAL A 33 -9.71 21.24 -24.36
CA VAL A 33 -9.91 19.86 -24.71
C VAL A 33 -11.16 19.72 -25.54
N LYS A 34 -11.01 19.08 -26.70
CA LYS A 34 -12.15 18.72 -27.51
C LYS A 34 -12.23 17.22 -27.57
N SER A 35 -13.45 16.74 -27.44
CA SER A 35 -13.71 15.33 -27.47
CA SER A 35 -13.72 15.33 -27.43
C SER A 35 -14.69 15.03 -28.59
N ARG A 36 -14.61 13.83 -29.12
CA ARG A 36 -15.65 13.34 -30.00
C ARG A 36 -15.89 11.90 -29.61
N LEU A 37 -17.12 11.64 -29.16
CA LEU A 37 -17.50 10.33 -28.69
C LEU A 37 -18.41 9.67 -29.68
N THR A 38 -18.11 8.41 -30.02
CA THR A 38 -19.01 7.60 -30.84
C THR A 38 -19.84 6.74 -29.89
N VAL A 39 -21.11 7.10 -29.78
CA VAL A 39 -22.00 6.57 -28.75
C VAL A 39 -22.98 5.56 -29.34
N GLU A 40 -23.09 4.43 -28.65
CA GLU A 40 -23.94 3.31 -29.04
C GLU A 40 -25.04 3.09 -28.01
N PRO A 41 -26.30 3.37 -28.40
CA PRO A 41 -27.38 3.14 -27.43
C PRO A 41 -27.49 1.69 -27.01
N GLN A 42 -27.69 1.46 -25.72
CA GLN A 42 -27.98 0.14 -25.15
C GLN A 42 -29.45 0.10 -24.74
N ARG A 43 -29.88 1.12 -24.01
CA ARG A 43 -31.30 1.31 -23.74
C ARG A 43 -31.76 2.54 -24.51
N VAL A 44 -32.29 2.28 -25.69
CA VAL A 44 -32.64 3.31 -26.65
C VAL A 44 -33.67 4.26 -26.04
N GLY A 45 -33.43 5.55 -26.22
CA GLY A 45 -34.38 6.56 -25.78
C GLY A 45 -34.08 7.17 -24.43
N GLU A 46 -33.16 6.57 -23.67
CA GLU A 46 -32.83 7.12 -22.36
C GLU A 46 -32.06 8.41 -22.54
N PRO A 47 -32.13 9.30 -21.54
CA PRO A 47 -31.26 10.47 -21.63
C PRO A 47 -29.80 10.05 -21.59
N LEU A 48 -28.98 10.81 -22.31
CA LEU A 48 -27.54 10.64 -22.21
C LEU A 48 -27.03 11.48 -21.06
N VAL A 49 -26.40 10.82 -20.08
CA VAL A 49 -25.91 11.51 -18.89
C VAL A 49 -24.40 11.39 -18.87
N LEU A 50 -23.73 12.55 -18.86
CA LEU A 50 -22.28 12.59 -18.84
C LEU A 50 -21.80 13.24 -17.56
N ASP A 51 -20.80 12.63 -16.96
CA ASP A 51 -20.13 13.17 -15.77
C ASP A 51 -19.10 14.21 -16.17
N GLY A 52 -18.99 15.31 -15.42
CA GLY A 52 -17.98 16.30 -15.75
C GLY A 52 -17.96 17.48 -14.83
N SER A 53 -16.74 17.94 -14.53
CA SER A 53 -16.59 19.12 -13.68
C SER A 53 -15.68 20.21 -14.27
N ALA A 54 -15.17 19.99 -15.47
CA ALA A 54 -14.38 21.02 -16.14
C ALA A 54 -15.25 22.13 -16.68
N LYS A 55 -14.66 23.29 -16.94
CA LYS A 55 -15.42 24.39 -17.53
C LYS A 55 -15.89 24.02 -18.92
N LEU A 56 -17.19 24.16 -19.15
CA LEU A 56 -17.80 23.72 -20.39
C LEU A 56 -17.93 24.88 -21.38
N LEU A 57 -17.37 24.72 -22.57
CA LEU A 57 -17.41 25.74 -23.59
C LEU A 57 -18.49 25.47 -24.64
N SER A 58 -18.66 24.20 -25.04
CA SER A 58 -19.70 23.85 -26.00
C SER A 58 -19.98 22.34 -26.02
N VAL A 59 -21.17 22.01 -26.50
CA VAL A 59 -21.63 20.62 -26.68
C VAL A 59 -22.39 20.48 -27.97
N LYS A 60 -22.03 19.48 -28.76
CA LYS A 60 -22.70 19.17 -30.00
C LYS A 60 -23.19 17.74 -30.00
N ILE A 61 -24.28 17.50 -30.71
CA ILE A 61 -24.75 16.18 -31.01
C ILE A 61 -24.85 16.04 -32.52
N ASN A 62 -24.21 15.02 -33.07
CA ASN A 62 -24.13 14.87 -34.52
C ASN A 62 -23.74 16.17 -35.23
N GLY A 63 -22.81 16.88 -34.63
CA GLY A 63 -22.23 18.07 -35.22
C GLY A 63 -23.01 19.37 -35.03
N ALA A 64 -24.21 19.28 -34.48
CA ALA A 64 -25.01 20.47 -34.22
C ALA A 64 -25.08 20.77 -32.73
N ALA A 65 -25.16 22.06 -32.38
CA ALA A 65 -25.27 22.50 -31.00
C ALA A 65 -26.40 21.75 -30.30
N ALA A 66 -26.08 21.21 -29.14
CA ALA A 66 -27.01 20.32 -28.44
C ALA A 66 -27.85 21.08 -27.47
N ASP A 67 -29.08 20.60 -27.32
CA ASP A 67 -29.96 21.03 -26.25
C ASP A 67 -29.66 20.16 -25.03
N TYR A 68 -29.14 20.77 -23.98
CA TYR A 68 -28.64 20.03 -22.84
C TYR A 68 -28.92 20.82 -21.58
N VAL A 69 -28.68 20.20 -20.42
CA VAL A 69 -28.70 20.94 -19.17
C VAL A 69 -27.51 20.45 -18.35
N LEU A 70 -26.86 21.44 -17.71
CA LEU A 70 -25.75 21.21 -16.81
C LEU A 70 -26.27 21.41 -15.39
N GLU A 71 -26.12 20.38 -14.58
CA GLU A 71 -26.60 20.36 -13.21
C GLU A 71 -25.54 19.68 -12.36
N GLY A 72 -24.97 20.43 -11.43
CA GLY A 72 -23.88 19.89 -10.62
C GLY A 72 -22.79 19.44 -11.54
N GLU A 73 -22.37 18.19 -11.38
CA GLU A 73 -21.30 17.64 -12.17
C GLU A 73 -21.82 16.70 -13.25
N THR A 74 -23.01 17.00 -13.76
CA THR A 74 -23.55 16.20 -14.83
C THR A 74 -24.05 17.09 -15.97
N LEU A 75 -24.00 16.49 -17.13
CA LEU A 75 -24.47 17.08 -18.35
CA LEU A 75 -24.47 17.08 -18.35
C LEU A 75 -25.47 16.10 -18.92
N THR A 76 -26.72 16.54 -19.15
CA THR A 76 -27.74 15.65 -19.64
C THR A 76 -28.30 16.13 -20.96
N ILE A 77 -28.36 15.23 -21.93
CA ILE A 77 -29.00 15.46 -23.24
C ILE A 77 -30.20 14.53 -23.35
N ALA A 78 -31.40 15.11 -23.33
CA ALA A 78 -32.64 14.35 -23.35
C ALA A 78 -33.01 13.83 -24.71
N GLY A 79 -32.66 14.57 -25.74
CA GLY A 79 -33.11 14.26 -27.07
C GLY A 79 -31.96 13.56 -27.74
N VAL A 80 -31.99 12.24 -27.68
CA VAL A 80 -30.90 11.42 -28.18
C VAL A 80 -31.38 10.66 -29.41
N PRO A 81 -30.51 10.53 -30.43
CA PRO A 81 -30.91 9.64 -31.52
C PRO A 81 -31.08 8.21 -31.04
N SER A 82 -31.88 7.44 -31.76
CA SER A 82 -32.08 6.03 -31.45
CA SER A 82 -32.10 6.02 -31.48
C SER A 82 -31.00 5.16 -32.09
N GLU A 83 -30.18 5.79 -32.93
CA GLU A 83 -29.13 5.15 -33.70
C GLU A 83 -27.80 5.68 -33.22
N ARG A 84 -26.72 4.99 -33.55
CA ARG A 84 -25.36 5.48 -33.27
C ARG A 84 -25.21 6.96 -33.59
N PHE A 85 -24.55 7.71 -32.71
CA PHE A 85 -24.45 9.13 -32.90
C PHE A 85 -23.18 9.57 -32.26
N THR A 86 -22.83 10.82 -32.51
CA THR A 86 -21.67 11.37 -31.86
C THR A 86 -22.05 12.53 -30.98
N VAL A 87 -21.20 12.74 -29.97
CA VAL A 87 -21.22 13.89 -29.10
C VAL A 87 -19.85 14.53 -29.14
N GLU A 88 -19.81 15.86 -29.22
CA GLU A 88 -18.56 16.59 -29.18
C GLU A 88 -18.61 17.58 -28.05
N VAL A 89 -17.65 17.45 -27.13
CA VAL A 89 -17.59 18.31 -25.96
C VAL A 89 -16.32 19.11 -25.96
N GLU A 90 -16.44 20.40 -25.68
CA GLU A 90 -15.29 21.29 -25.56
C GLU A 90 -15.21 21.83 -24.15
N THR A 91 -14.08 21.60 -23.49
CA THR A 91 -13.87 22.06 -22.11
C THR A 91 -12.57 22.84 -22.01
N GLU A 92 -12.42 23.57 -20.92
CA GLU A 92 -11.26 24.40 -20.68
C GLU A 92 -10.73 24.16 -19.29
N ILE A 93 -9.44 23.93 -19.20
CA ILE A 93 -8.77 23.57 -17.94
C ILE A 93 -7.62 24.51 -17.67
N LEU A 94 -7.44 24.85 -16.39
CA LEU A 94 -6.31 25.62 -15.91
C LEU A 94 -5.43 24.71 -15.05
N PRO A 95 -4.52 23.93 -15.67
CA PRO A 95 -3.84 22.87 -14.89
C PRO A 95 -2.94 23.37 -13.77
N ALA A 96 -2.40 24.59 -13.88
CA ALA A 96 -1.58 25.12 -12.79
C ALA A 96 -2.39 25.48 -11.54
N GLU A 97 -3.70 25.57 -11.66
CA GLU A 97 -4.57 25.84 -10.52
C GLU A 97 -5.00 24.53 -9.84
N ASN A 98 -4.70 23.41 -10.45
CA ASN A 98 -5.14 22.10 -9.94
C ASN A 98 -4.21 21.51 -8.93
N LYS A 99 -4.47 21.81 -7.65
CA LYS A 99 -3.66 21.29 -6.57
C LYS A 99 -4.23 19.97 -6.01
N SER A 100 -5.31 19.45 -6.57
CA SER A 100 -5.88 18.16 -6.15
C SER A 100 -5.09 16.97 -6.71
N LEU A 101 -4.34 17.23 -7.77
CA LEU A 101 -3.51 16.25 -8.48
C LEU A 101 -4.36 15.11 -9.01
N MSE A 102 -5.59 15.47 -9.41
CA MSE A 102 -6.49 14.56 -10.08
C MSE A 102 -6.98 15.26 -11.32
O MSE A 102 -7.25 16.47 -11.27
CB MSE A 102 -7.68 14.21 -9.21
CG MSE A 102 -7.32 13.58 -7.91
SE MSE A 102 -6.60 11.87 -8.26
CE MSE A 102 -8.15 11.04 -9.02
H MSE A 102 -5.92 16.25 -9.28
HA MSE A 102 -6.02 13.74 -10.32
HB2 MSE A 102 -8.17 15.03 -9.01
HB3 MSE A 102 -8.26 13.60 -9.69
HG2 MSE A 102 -6.64 14.11 -7.46
HG3 MSE A 102 -8.11 13.47 -7.36
HE1 MSE A 102 -7.93 10.12 -9.26
HE2 MSE A 102 -8.87 11.04 -8.37
HE3 MSE A 102 -8.43 11.53 -9.82
N GLY A 103 -7.13 14.54 -12.41
CA GLY A 103 -7.40 15.16 -13.68
C GLY A 103 -6.10 15.59 -14.31
N LEU A 104 -6.12 16.73 -14.99
CA LEU A 104 -4.96 17.26 -15.66
C LEU A 104 -4.37 18.33 -14.76
N TYR A 105 -3.09 18.19 -14.43
CA TYR A 105 -2.45 19.13 -13.50
C TYR A 105 -0.99 19.40 -13.80
N ALA A 106 -0.48 20.50 -13.24
CA ALA A 106 0.89 20.87 -13.44
C ALA A 106 1.77 20.39 -12.31
N SER A 107 2.99 20.04 -12.66
CA SER A 107 3.99 19.69 -11.66
C SER A 107 5.36 19.93 -12.25
N GLY A 108 6.21 20.67 -11.54
CA GLY A 108 7.55 20.97 -12.02
C GLY A 108 7.60 21.59 -13.41
N GLY A 109 6.59 22.38 -13.74
CA GLY A 109 6.49 23.04 -15.04
C GLY A 109 6.01 22.16 -16.18
N ASN A 110 5.67 20.92 -15.87
CA ASN A 110 5.17 19.95 -16.82
C ASN A 110 3.72 19.62 -16.51
N LEU A 111 3.07 18.91 -17.42
CA LEU A 111 1.68 18.48 -17.25
C LEU A 111 1.55 16.97 -17.21
N PHE A 112 0.70 16.53 -16.27
CA PHE A 112 0.47 15.13 -16.00
C PHE A 112 -1.02 14.91 -15.75
N THR A 113 -1.46 13.65 -15.84
CA THR A 113 -2.81 13.29 -15.47
C THR A 113 -2.84 12.23 -14.41
N GLN A 114 -3.92 12.22 -13.63
CA GLN A 114 -4.30 11.06 -12.82
C GLN A 114 -5.82 10.88 -12.94
N CYS A 115 -6.26 9.76 -13.49
CA CYS A 115 -7.69 9.58 -13.73
C CYS A 115 -8.33 8.52 -12.84
N GLU A 116 -7.59 7.61 -12.26
CA GLU A 116 -8.24 6.62 -11.39
C GLU A 116 -8.53 7.19 -10.01
N PRO A 117 -9.76 7.01 -9.49
CA PRO A 117 -10.92 6.35 -10.13
C PRO A 117 -11.75 7.25 -11.04
N GLU A 118 -12.00 8.51 -10.65
CA GLU A 118 -12.98 9.35 -11.35
C GLU A 118 -12.40 10.71 -11.69
N GLY A 119 -11.12 10.71 -12.07
CA GLY A 119 -10.50 11.95 -12.54
C GLY A 119 -10.70 12.35 -13.98
N PHE A 120 -11.04 11.40 -14.84
CA PHE A 120 -11.20 11.74 -16.24
C PHE A 120 -12.34 12.76 -16.43
N ARG A 121 -13.36 12.68 -15.59
CA ARG A 121 -14.46 13.66 -15.68
C ARG A 121 -14.01 15.07 -15.32
N LYS A 122 -12.80 15.24 -14.75
CA LYS A 122 -12.25 16.58 -14.51
CA LYS A 122 -12.27 16.58 -14.51
C LYS A 122 -11.59 17.16 -15.76
N ILE A 123 -11.49 16.33 -16.80
CA ILE A 123 -10.86 16.70 -18.06
C ILE A 123 -11.95 16.98 -19.14
N THR A 124 -12.92 16.07 -19.26
CA THR A 124 -14.01 16.26 -20.22
C THR A 124 -15.24 15.62 -19.65
N PHE A 125 -16.35 15.80 -20.35
CA PHE A 125 -17.61 15.17 -19.94
C PHE A 125 -17.71 13.80 -20.57
N TYR A 126 -17.97 12.80 -19.74
CA TYR A 126 -17.80 11.41 -20.15
C TYR A 126 -18.66 10.49 -19.35
N ILE A 127 -18.85 9.28 -19.85
CA ILE A 127 -19.49 8.24 -19.03
C ILE A 127 -18.36 7.55 -18.23
N ASP A 128 -18.04 8.17 -17.10
CA ASP A 128 -16.75 7.93 -16.41
C ASP A 128 -16.92 6.82 -15.37
N ARG A 129 -17.08 5.61 -15.88
CA ARG A 129 -17.30 4.40 -15.09
C ARG A 129 -16.65 3.24 -15.82
N PRO A 130 -16.10 2.27 -15.07
CA PRO A 130 -15.13 1.37 -15.70
C PRO A 130 -15.72 0.25 -16.54
N ASP A 131 -17.03 0.05 -16.49
CA ASP A 131 -17.67 -0.92 -17.38
C ASP A 131 -17.97 -0.31 -18.76
N VAL A 132 -17.62 0.95 -18.96
CA VAL A 132 -17.69 1.58 -20.29
C VAL A 132 -16.29 1.63 -20.85
N MSE A 133 -16.04 0.83 -21.89
CA MSE A 133 -14.71 0.71 -22.48
C MSE A 133 -14.76 1.15 -23.93
O MSE A 133 -15.67 0.75 -24.68
CB MSE A 133 -14.22 -0.74 -22.37
CG MSE A 133 -14.29 -1.26 -20.94
SE MSE A 133 -13.93 -3.11 -20.84
CE MSE A 133 -12.10 -3.17 -21.44
H MSE A 133 -16.63 0.35 -22.27
HA MSE A 133 -14.09 1.27 -21.99
HB2 MSE A 133 -14.77 -1.30 -22.94
HB3 MSE A 133 -13.30 -0.78 -22.66
HG2 MSE A 133 -13.64 -0.79 -20.39
HG3 MSE A 133 -15.18 -1.11 -20.59
HE1 MSE A 133 -11.80 -4.10 -21.42
HE2 MSE A 133 -12.05 -2.82 -22.34
HE3 MSE A 133 -11.55 -2.63 -20.85
N SER A 134 -13.78 1.97 -24.29
CA SER A 134 -13.74 2.65 -25.57
C SER A 134 -12.34 2.64 -26.15
N LYS A 135 -12.22 2.75 -27.46
CA LYS A 135 -10.92 2.88 -28.12
C LYS A 135 -10.56 4.36 -28.28
N PHE A 136 -9.47 4.75 -27.62
CA PHE A 136 -9.02 6.14 -27.57
C PHE A 136 -7.98 6.49 -28.64
N THR A 137 -8.13 7.66 -29.23
CA THR A 137 -7.08 8.28 -30.02
C THR A 137 -6.94 9.71 -29.55
N THR A 138 -5.70 10.14 -29.31
CA THR A 138 -5.43 11.38 -28.62
C THR A 138 -4.44 12.22 -29.40
N THR A 139 -4.85 13.43 -29.77
CA THR A 139 -4.01 14.42 -30.42
C THR A 139 -3.64 15.47 -29.40
N ILE A 140 -2.36 15.84 -29.39
CA ILE A 140 -1.84 16.83 -28.44
C ILE A 140 -1.07 17.89 -29.22
N VAL A 141 -1.37 19.17 -28.97
CA VAL A 141 -0.70 20.30 -29.62
C VAL A 141 -0.15 21.21 -28.54
N ALA A 142 1.11 21.63 -28.66
CA ALA A 142 1.76 22.47 -27.65
C ALA A 142 2.95 23.18 -28.22
N ASP A 143 3.41 24.20 -27.50
CA ASP A 143 4.69 24.83 -27.82
C ASP A 143 5.82 23.82 -27.75
N LYS A 144 6.64 23.74 -28.79
CA LYS A 144 7.67 22.70 -28.84
C LYS A 144 8.79 22.92 -27.85
N LYS A 145 9.23 24.17 -27.65
CA LYS A 145 10.33 24.38 -26.74
C LYS A 145 9.92 24.14 -25.29
N ARG A 146 8.68 24.48 -24.94
CA ARG A 146 8.23 24.31 -23.57
C ARG A 146 7.79 22.88 -23.28
N TYR A 147 7.18 22.25 -24.29
CA TYR A 147 6.61 20.90 -24.16
C TYR A 147 7.08 19.99 -25.28
N PRO A 148 8.39 19.68 -25.31
CA PRO A 148 8.92 18.87 -26.40
C PRO A 148 8.48 17.42 -26.39
N VAL A 149 8.10 16.96 -25.20
CA VAL A 149 7.67 15.58 -25.01
C VAL A 149 6.17 15.57 -24.79
N LEU A 150 5.47 14.87 -25.69
CA LEU A 150 4.02 14.79 -25.67
C LEU A 150 3.56 13.37 -25.79
N LEU A 151 3.01 12.83 -24.70
CA LEU A 151 2.73 11.40 -24.61
C LEU A 151 1.27 11.13 -24.28
N SER A 152 0.74 10.05 -24.82
CA SER A 152 -0.52 9.50 -24.35
C SER A 152 -0.45 7.98 -24.56
N ASN A 153 -1.52 7.28 -24.23
CA ASN A 153 -1.52 5.83 -24.30
C ASN A 153 -1.36 5.30 -25.72
N GLY A 154 -0.65 4.19 -25.83
CA GLY A 154 -0.65 3.44 -27.07
C GLY A 154 0.51 3.72 -28.00
N ASN A 155 0.19 3.74 -29.28
CA ASN A 155 1.13 3.88 -30.38
C ASN A 155 1.11 5.28 -30.94
N LYS A 156 2.29 5.83 -31.23
CA LYS A 156 2.35 7.17 -31.83
C LYS A 156 2.18 6.96 -33.32
N ILE A 157 1.08 7.47 -33.88
CA ILE A 157 0.78 7.19 -35.29
C ILE A 157 0.97 8.40 -36.23
N ASP A 158 1.13 9.59 -35.69
CA ASP A 158 1.35 10.77 -36.54
C ASP A 158 1.89 11.90 -35.68
N GLY A 159 2.38 12.95 -36.34
CA GLY A 159 2.85 14.13 -35.66
C GLY A 159 3.40 15.09 -36.68
N GLY A 160 3.70 16.31 -36.22
CA GLY A 160 4.24 17.31 -37.12
C GLY A 160 4.49 18.62 -36.42
N GLU A 161 4.89 19.58 -37.23
CA GLU A 161 5.31 20.90 -36.76
C GLU A 161 4.41 21.97 -37.33
N PHE A 162 4.29 23.06 -36.58
CA PHE A 162 3.66 24.28 -37.08
C PHE A 162 4.68 25.42 -37.16
N SER A 163 4.42 26.40 -38.04
CA SER A 163 5.36 27.51 -38.29
CA SER A 163 5.39 27.48 -38.28
C SER A 163 5.54 28.43 -37.08
N ASP A 164 4.56 28.43 -36.18
CA ASP A 164 4.57 29.33 -35.02
C ASP A 164 5.27 28.74 -33.78
N GLY A 165 5.95 27.62 -33.94
CA GLY A 165 6.77 27.05 -32.88
C GLY A 165 6.02 25.97 -32.12
N ARG A 166 4.80 25.71 -32.53
CA ARG A 166 4.01 24.63 -31.94
C ARG A 166 4.30 23.34 -32.69
N HIS A 167 4.07 22.22 -32.00
CA HIS A 167 4.11 20.91 -32.65
C HIS A 167 2.99 20.04 -32.12
N TRP A 168 2.77 18.90 -32.75
CA TRP A 168 1.70 18.02 -32.34
C TRP A 168 2.08 16.56 -32.52
N VAL A 169 1.34 15.71 -31.80
CA VAL A 169 1.46 14.27 -31.91
C VAL A 169 0.06 13.66 -31.86
N LYS A 170 -0.06 12.44 -32.39
CA LYS A 170 -1.30 11.69 -32.31
C LYS A 170 -0.97 10.27 -31.86
N TRP A 171 -1.68 9.85 -30.81
CA TRP A 171 -1.51 8.54 -30.17
C TRP A 171 -2.76 7.70 -30.31
N GLU A 172 -2.60 6.45 -30.74
CA GLU A 172 -3.72 5.56 -30.91
C GLU A 172 -3.51 4.36 -30.00
N ASP A 173 -4.44 4.15 -29.08
CA ASP A 173 -4.42 2.96 -28.25
C ASP A 173 -5.49 2.01 -28.76
N PRO A 174 -5.06 0.90 -29.34
CA PRO A 174 -6.00 -0.02 -30.00
C PRO A 174 -6.80 -0.89 -29.06
N PHE A 175 -6.44 -0.90 -27.77
CA PHE A 175 -7.16 -1.72 -26.79
C PHE A 175 -8.27 -0.87 -26.14
N SER A 176 -9.51 -1.36 -26.24
CA SER A 176 -10.60 -0.70 -25.54
C SER A 176 -10.28 -0.62 -24.08
N LYS A 177 -10.57 0.53 -23.49
CA LYS A 177 -10.30 0.73 -22.08
C LYS A 177 -11.31 1.61 -21.43
N PRO A 178 -11.47 1.43 -20.12
CA PRO A 178 -12.19 2.42 -19.31
C PRO A 178 -11.41 3.72 -19.16
N SER A 179 -12.15 4.80 -18.89
CA SER A 179 -11.53 6.13 -18.80
C SER A 179 -10.46 6.23 -17.72
N TYR A 180 -10.53 5.41 -16.67
CA TYR A 180 -9.59 5.60 -15.56
C TYR A 180 -8.18 5.26 -15.96
N LEU A 181 -8.02 4.62 -17.12
CA LEU A 181 -6.69 4.22 -17.63
C LEU A 181 -6.15 5.19 -18.66
N PHE A 182 -6.88 6.28 -18.92
CA PHE A 182 -6.35 7.33 -19.79
C PHE A 182 -5.18 8.04 -19.14
N ALA A 183 -4.13 8.35 -19.90
CA ALA A 183 -3.08 9.25 -19.41
C ALA A 183 -2.56 10.20 -20.49
N LEU A 184 -2.10 11.34 -20.04
CA LEU A 184 -1.40 12.31 -20.88
C LEU A 184 -0.27 12.91 -20.11
N VAL A 185 0.88 13.09 -20.78
CA VAL A 185 1.99 13.84 -20.22
C VAL A 185 2.50 14.84 -21.26
N ALA A 186 2.81 16.06 -20.84
CA ALA A 186 3.38 17.06 -21.73
C ALA A 186 4.47 17.76 -20.98
N GLY A 187 5.69 17.79 -21.51
CA GLY A 187 6.73 18.34 -20.69
C GLY A 187 8.08 18.40 -21.34
N ASP A 188 9.02 19.00 -20.63
CA ASP A 188 10.43 18.95 -20.94
C ASP A 188 11.02 17.90 -20.01
N LEU A 189 11.16 16.67 -20.52
CA LEU A 189 11.60 15.53 -19.74
C LEU A 189 12.71 14.82 -20.47
N ALA A 190 13.64 14.24 -19.70
CA ALA A 190 14.69 13.43 -20.24
C ALA A 190 14.23 11.99 -20.38
N VAL A 191 14.76 11.28 -21.34
CA VAL A 191 14.37 9.88 -21.53
C VAL A 191 15.55 8.94 -21.36
N THR A 192 15.25 7.78 -20.75
CA THR A 192 16.15 6.65 -20.67
C THR A 192 15.51 5.51 -21.45
N GLU A 193 16.25 4.97 -22.41
CA GLU A 193 15.73 3.96 -23.33
C GLU A 193 16.35 2.60 -23.08
N ASP A 194 15.54 1.56 -23.24
CA ASP A 194 15.98 0.18 -23.12
C ASP A 194 15.00 -0.65 -23.95
N TYR A 195 15.09 -1.97 -23.85
CA TYR A 195 14.12 -2.83 -24.50
C TYR A 195 14.05 -4.19 -23.83
N PHE A 196 12.98 -4.89 -24.14
CA PHE A 196 12.74 -6.26 -23.72
C PHE A 196 12.23 -7.03 -24.92
N THR A 197 12.68 -8.27 -25.11
CA THR A 197 12.16 -9.10 -26.18
C THR A 197 11.25 -10.15 -25.59
N THR A 198 10.00 -10.17 -26.05
CA THR A 198 9.01 -11.08 -25.48
C THR A 198 9.30 -12.50 -25.92
N MSE A 199 8.61 -13.45 -25.32
CA MSE A 199 8.88 -14.83 -25.65
C MSE A 199 8.44 -15.20 -27.06
O MSE A 199 8.84 -16.25 -27.56
CB MSE A 199 8.22 -15.75 -24.63
CG MSE A 199 6.79 -15.58 -24.47
SE MSE A 199 6.34 -16.84 -23.05
CE MSE A 199 4.60 -16.22 -22.57
H MSE A 199 7.99 -13.32 -24.74
HA MSE A 199 9.84 -14.96 -25.58
HB2 MSE A 199 8.38 -16.66 -24.90
HB3 MSE A 199 8.63 -15.59 -23.76
HG2 MSE A 199 6.57 -14.68 -24.20
HG3 MSE A 199 6.32 -15.83 -25.29
HE1 MSE A 199 4.26 -16.77 -21.85
HE2 MSE A 199 4.66 -15.29 -22.27
HE3 MSE A 199 4.02 -16.28 -23.34
N SER A 200 7.64 -14.35 -27.71
CA SER A 200 7.25 -14.61 -29.10
CA SER A 200 7.24 -14.61 -29.09
C SER A 200 8.21 -13.92 -30.07
N GLY A 201 9.22 -13.26 -29.51
CA GLY A 201 10.27 -12.63 -30.30
C GLY A 201 10.07 -11.18 -30.66
N ARG A 202 9.10 -10.53 -30.03
CA ARG A 202 8.83 -9.12 -30.36
C ARG A 202 9.53 -8.21 -29.39
N ASN A 203 10.31 -7.28 -29.94
CA ASN A 203 10.92 -6.24 -29.13
C ASN A 203 9.89 -5.28 -28.58
N VAL A 204 10.08 -4.91 -27.33
CA VAL A 204 9.28 -3.86 -26.70
C VAL A 204 10.20 -2.74 -26.33
N LYS A 205 10.00 -1.59 -26.93
CA LYS A 205 10.79 -0.41 -26.57
CA LYS A 205 10.76 -0.39 -26.58
C LYS A 205 10.34 0.10 -25.21
N ILE A 206 11.30 0.30 -24.32
CA ILE A 206 11.09 0.79 -22.96
C ILE A 206 11.64 2.21 -22.86
N GLU A 207 10.82 3.13 -22.38
CA GLU A 207 11.20 4.53 -22.23
C GLU A 207 10.79 5.02 -20.85
N PHE A 208 11.76 5.47 -20.04
CA PHE A 208 11.52 6.08 -18.75
C PHE A 208 11.80 7.57 -18.86
N TYR A 209 10.81 8.38 -18.49
CA TYR A 209 10.91 9.83 -18.55
C TYR A 209 11.04 10.41 -17.15
N THR A 210 12.06 11.25 -16.97
CA THR A 210 12.37 11.87 -15.69
C THR A 210 12.86 13.30 -15.93
N THR A 211 13.08 14.07 -14.87
CA THR A 211 13.79 15.33 -15.07
C THR A 211 15.21 14.99 -15.53
N GLU A 212 15.85 15.95 -16.19
CA GLU A 212 17.24 15.80 -16.59
C GLU A 212 18.12 15.44 -15.38
N ALA A 213 17.90 16.13 -14.25
CA ALA A 213 18.73 15.87 -13.07
C ALA A 213 18.51 14.49 -12.44
N ASP A 214 17.30 13.94 -12.61
CA ASP A 214 16.90 12.67 -11.98
C ASP A 214 17.27 11.46 -12.83
N LYS A 215 17.63 11.66 -14.08
CA LYS A 215 17.87 10.54 -14.99
C LYS A 215 18.91 9.52 -14.46
N PRO A 216 20.00 10.00 -13.82
CA PRO A 216 20.99 9.03 -13.34
C PRO A 216 20.47 8.09 -12.24
N LYS A 217 19.29 8.38 -11.68
CA LYS A 217 18.70 7.51 -10.64
C LYS A 217 17.64 6.52 -11.12
N VAL A 218 17.43 6.40 -12.43
CA VAL A 218 16.32 5.61 -12.93
C VAL A 218 16.70 4.18 -13.37
N GLY A 219 17.98 3.83 -13.35
CA GLY A 219 18.43 2.55 -13.85
C GLY A 219 17.90 1.30 -13.16
N PHE A 220 17.77 1.35 -11.86
CA PHE A 220 17.28 0.20 -11.13
C PHE A 220 15.82 -0.08 -11.49
N ALA A 221 15.04 0.98 -11.66
CA ALA A 221 13.64 0.86 -12.10
C ALA A 221 13.55 0.18 -13.46
N VAL A 222 14.41 0.60 -14.40
CA VAL A 222 14.43 -0.05 -15.69
C VAL A 222 14.77 -1.54 -15.61
N GLU A 223 15.81 -1.87 -14.86
CA GLU A 223 16.16 -3.26 -14.67
C GLU A 223 15.04 -4.05 -14.03
N SER A 224 14.36 -3.42 -13.08
CA SER A 224 13.25 -4.09 -12.40
C SER A 224 12.09 -4.39 -13.35
N LEU A 225 11.83 -3.48 -14.28
CA LEU A 225 10.78 -3.68 -15.25
C LEU A 225 11.09 -4.87 -16.14
N LYS A 226 12.33 -4.96 -16.62
CA LYS A 226 12.70 -6.09 -17.44
C LYS A 226 12.59 -7.40 -16.66
N ASN A 227 12.95 -7.38 -15.39
CA ASN A 227 12.75 -8.55 -14.55
C ASN A 227 11.26 -8.89 -14.40
N ALA A 228 10.40 -7.89 -14.22
CA ALA A 228 8.96 -8.11 -14.07
C ALA A 228 8.35 -8.68 -15.37
N MSE A 229 8.76 -8.15 -16.52
CA MSE A 229 8.28 -8.66 -17.79
C MSE A 229 8.65 -10.12 -17.97
O MSE A 229 7.83 -10.92 -18.38
CB MSE A 229 8.83 -7.81 -18.93
CG MSE A 229 8.22 -6.44 -18.88
SE MSE A 229 8.98 -5.34 -20.25
CE MSE A 229 7.68 -5.79 -21.58
H MSE A 229 9.31 -7.49 -16.59
HA MSE A 229 7.32 -8.57 -17.81
HB2 MSE A 229 9.79 -7.72 -18.83
HB3 MSE A 229 8.61 -8.22 -19.77
HG2 MSE A 229 7.27 -6.50 -19.04
HG3 MSE A 229 8.41 -6.03 -18.01
HE1 MSE A 229 7.89 -5.32 -22.39
HE2 MSE A 229 7.70 -6.75 -21.73
HE3 MSE A 229 6.80 -5.53 -21.25
N LYS A 230 9.89 -10.47 -17.69
CA LYS A 230 10.30 -11.87 -17.83
C LYS A 230 9.54 -12.77 -16.86
N TRP A 231 9.36 -12.30 -15.64
CA TRP A 231 8.68 -13.09 -14.63
C TRP A 231 7.24 -13.34 -14.99
N ASP A 232 6.53 -12.37 -15.52
CA ASP A 232 5.15 -12.61 -15.83
C ASP A 232 5.05 -13.67 -16.94
N GLU A 233 6.05 -13.73 -17.81
CA GLU A 233 6.08 -14.78 -18.83
C GLU A 233 6.34 -16.13 -18.20
N THR A 234 7.35 -16.22 -17.36
CA THR A 234 7.76 -17.53 -16.87
C THR A 234 6.80 -18.07 -15.79
N ARG A 235 6.24 -17.20 -14.96
CA ARG A 235 5.41 -17.65 -13.83
C ARG A 235 3.95 -17.76 -14.25
N PHE A 236 3.44 -16.78 -15.00
CA PHE A 236 2.01 -16.70 -15.35
C PHE A 236 1.73 -16.93 -16.84
N GLY A 237 2.77 -17.01 -17.66
CA GLY A 237 2.59 -17.18 -19.09
C GLY A 237 1.98 -15.97 -19.79
N LEU A 238 2.20 -14.79 -19.21
CA LEU A 238 1.61 -13.57 -19.72
C LEU A 238 2.63 -12.71 -20.46
N GLU A 239 2.29 -12.29 -21.67
CA GLU A 239 3.16 -11.48 -22.53
C GLU A 239 2.60 -10.10 -22.72
N TYR A 240 3.50 -9.13 -22.82
CA TYR A 240 3.09 -7.76 -23.12
C TYR A 240 2.51 -7.68 -24.54
N ASP A 241 1.70 -6.64 -24.78
CA ASP A 241 0.84 -6.61 -25.94
C ASP A 241 0.97 -5.38 -26.83
N LEU A 242 1.96 -4.54 -26.55
CA LEU A 242 2.34 -3.41 -27.40
C LEU A 242 3.85 -3.45 -27.63
N ASP A 243 4.34 -2.66 -28.58
CA ASP A 243 5.77 -2.61 -28.82
C ASP A 243 6.44 -1.40 -28.13
N ILE A 244 5.70 -0.75 -27.24
CA ILE A 244 6.17 0.41 -26.48
C ILE A 244 5.59 0.33 -25.07
N PHE A 245 6.45 0.64 -24.09
CA PHE A 245 6.05 0.74 -22.68
C PHE A 245 6.78 1.92 -22.08
N MSE A 246 6.00 2.93 -21.69
CA MSE A 246 6.52 4.18 -21.14
C MSE A 246 6.21 4.28 -19.67
O MSE A 246 5.12 3.87 -19.24
CB MSE A 246 5.87 5.37 -21.87
CG MSE A 246 6.29 5.46 -23.31
SE MSE A 246 5.27 6.79 -24.17
CE MSE A 246 3.66 5.82 -24.50
H MSE A 246 5.14 2.90 -21.73
HA MSE A 246 7.47 4.22 -21.27
HB2 MSE A 246 4.91 5.28 -21.84
HB3 MSE A 246 6.15 6.19 -21.42
HG2 MSE A 246 7.22 5.70 -23.37
HG3 MSE A 246 6.12 4.61 -23.75
HE1 MSE A 246 3.04 6.40 -24.95
HE2 MSE A 246 3.86 5.05 -25.06
HE3 MSE A 246 3.29 5.53 -23.65
N VAL A 247 7.17 4.81 -18.92
CA VAL A 247 7.04 5.14 -17.52
C VAL A 247 7.49 6.59 -17.35
N VAL A 248 6.69 7.37 -16.63
CA VAL A 248 6.96 8.79 -16.38
C VAL A 248 6.96 9.03 -14.87
N ALA A 249 8.07 9.56 -14.38
CA ALA A 249 8.20 9.97 -12.98
C ALA A 249 7.60 11.37 -12.74
N VAL A 250 6.87 11.52 -11.62
CA VAL A 250 6.34 12.82 -11.23
C VAL A 250 6.44 13.02 -9.72
N GLY A 251 6.86 14.21 -9.32
CA GLY A 251 7.16 14.49 -7.93
C GLY A 251 5.96 14.85 -7.08
N ASP A 252 4.89 15.29 -7.74
CA ASP A 252 3.63 15.58 -7.09
C ASP A 252 2.60 14.52 -7.49
N PHE A 253 2.25 13.64 -6.57
CA PHE A 253 1.42 12.49 -6.90
C PHE A 253 0.78 11.97 -5.63
N ASN A 254 -0.51 11.67 -5.70
CA ASN A 254 -1.26 11.30 -4.48
C ASN A 254 -1.00 9.91 -3.96
N MSE A 255 -0.56 9.00 -4.83
CA MSE A 255 -0.33 7.62 -4.44
C MSE A 255 1.03 7.19 -4.89
O MSE A 255 1.91 8.08 -5.06
CB MSE A 255 -1.43 6.76 -5.04
CG MSE A 255 -2.77 7.27 -4.56
SE MSE A 255 -3.28 6.39 -3.00
CE MSE A 255 -4.31 4.93 -3.85
N GLY A 256 1.26 5.90 -5.08
CA GLY A 256 2.61 5.48 -5.42
C GLY A 256 2.87 5.45 -6.89
N ALA A 257 1.88 5.01 -7.68
CA ALA A 257 2.04 4.86 -9.12
C ALA A 257 0.68 4.53 -9.74
N MSE A 258 0.64 4.47 -11.06
CA MSE A 258 -0.61 4.26 -11.79
C MSE A 258 -0.37 3.52 -13.11
O MSE A 258 0.53 3.88 -13.88
CB MSE A 258 -1.28 5.62 -12.03
CG MSE A 258 -2.56 5.52 -12.87
SE MSE A 258 -3.80 4.53 -11.87
CE MSE A 258 -4.72 3.78 -13.30
H MSE A 258 1.33 4.56 -11.57
HA MSE A 258 -1.19 3.73 -11.24
HB2 MSE A 258 -1.53 6.00 -11.17
HB3 MSE A 258 -0.67 6.20 -12.48
HG2 MSE A 258 -2.92 6.41 -13.03
HG3 MSE A 258 -2.38 5.06 -13.70
HE1 MSE A 258 -5.42 3.21 -12.97
HE2 MSE A 258 -5.09 4.50 -13.85
HE3 MSE A 258 -4.09 3.25 -13.83
N GLU A 259 -1.18 2.48 -13.34
CA GLU A 259 -0.97 1.52 -14.41
C GLU A 259 -1.54 1.88 -15.77
N ASN A 260 -1.61 3.17 -16.10
CA ASN A 260 -2.27 3.57 -17.34
C ASN A 260 -1.66 2.79 -18.50
N LYS A 261 -2.50 2.30 -19.42
CA LYS A 261 -2.06 1.39 -20.47
C LYS A 261 -0.90 1.95 -21.27
N GLY A 262 0.25 1.28 -21.21
CA GLY A 262 1.41 1.68 -22.00
C GLY A 262 2.09 2.96 -21.57
N LEU A 263 1.59 3.59 -20.52
CA LEU A 263 2.06 4.91 -20.08
C LEU A 263 1.84 5.03 -18.58
N ASN A 264 2.62 4.27 -17.82
CA ASN A 264 2.52 4.30 -16.38
C ASN A 264 3.08 5.61 -15.85
N ILE A 265 2.47 6.15 -14.80
CA ILE A 265 2.94 7.37 -14.14
C ILE A 265 3.24 6.98 -12.72
N PHE A 266 4.46 7.29 -12.29
CA PHE A 266 4.99 6.90 -10.99
C PHE A 266 5.34 8.09 -10.13
N ASN A 267 4.99 8.00 -8.86
CA ASN A 267 5.64 8.86 -7.86
C ASN A 267 7.15 8.63 -7.95
N THR A 268 7.94 9.71 -7.93
CA THR A 268 9.41 9.61 -7.92
C THR A 268 9.92 8.63 -6.89
N LYS A 269 9.24 8.55 -5.76
CA LYS A 269 9.65 7.65 -4.68
C LYS A 269 9.77 6.18 -5.13
N PHE A 270 8.98 5.77 -6.08
CA PHE A 270 8.96 4.38 -6.54
C PHE A 270 9.62 4.19 -7.91
N VAL A 271 10.42 5.15 -8.33
CA VAL A 271 11.21 4.94 -9.53
C VAL A 271 12.68 5.41 -9.41
N LEU A 272 13.02 6.32 -8.49
CA LEU A 272 14.36 6.90 -8.42
C LEU A 272 15.15 6.37 -7.23
N ALA A 273 16.36 5.90 -7.50
CA ALA A 273 17.29 5.46 -6.46
C ALA A 273 18.71 5.44 -6.94
N ASP A 274 19.60 5.79 -6.03
CA ASP A 274 20.97 5.31 -6.09
C ASP A 274 21.43 5.03 -4.66
N SER A 275 22.58 4.38 -4.47
CA SER A 275 22.96 4.01 -3.11
C SER A 275 23.26 5.24 -2.25
N ARG A 276 23.72 6.33 -2.84
CA ARG A 276 24.01 7.53 -2.07
C ARG A 276 22.75 8.14 -1.45
N THR A 277 21.61 8.01 -2.12
CA THR A 277 20.42 8.76 -1.69
C THR A 277 19.21 7.93 -1.33
N ALA A 278 19.26 6.61 -1.60
CA ALA A 278 18.13 5.74 -1.36
C ALA A 278 18.55 4.57 -0.48
N THR A 279 17.67 4.15 0.41
CA THR A 279 17.93 2.99 1.25
C THR A 279 17.65 1.69 0.52
N ASP A 280 18.14 0.59 1.07
CA ASP A 280 17.82 -0.73 0.54
C ASP A 280 16.30 -0.94 0.46
N THR A 281 15.57 -0.54 1.50
CA THR A 281 14.11 -0.63 1.50
C THR A 281 13.51 0.17 0.34
N ASP A 282 14.09 1.33 0.01
CA ASP A 282 13.61 2.11 -1.13
C ASP A 282 13.81 1.33 -2.45
N PHE A 283 14.96 0.70 -2.61
CA PHE A 283 15.21 -0.14 -3.78
C PHE A 283 14.19 -1.27 -3.85
N GLU A 284 13.89 -1.92 -2.72
CA GLU A 284 12.94 -3.03 -2.71
C GLU A 284 11.56 -2.54 -3.09
N GLY A 285 11.25 -1.31 -2.67
CA GLY A 285 9.99 -0.66 -3.00
C GLY A 285 9.84 -0.40 -4.49
N ILE A 286 10.91 0.06 -5.12
CA ILE A 286 10.88 0.30 -6.55
C ILE A 286 10.64 -1.00 -7.31
N GLU A 287 11.33 -2.06 -6.89
CA GLU A 287 11.17 -3.35 -7.53
C GLU A 287 9.71 -3.80 -7.40
N SER A 288 9.17 -3.69 -6.20
CA SER A 288 7.79 -4.07 -5.93
C SER A 288 6.79 -3.30 -6.77
N VAL A 289 6.92 -1.98 -6.80
CA VAL A 289 5.91 -1.14 -7.43
C VAL A 289 6.04 -1.13 -8.97
N VAL A 290 7.28 -1.15 -9.49
CA VAL A 290 7.45 -1.29 -10.93
C VAL A 290 6.83 -2.61 -11.36
N GLY A 291 7.07 -3.67 -10.60
CA GLY A 291 6.38 -4.93 -10.86
C GLY A 291 4.86 -4.79 -10.85
N HIS A 292 4.33 -4.31 -9.74
CA HIS A 292 2.89 -4.07 -9.56
C HIS A 292 2.27 -3.39 -10.76
N GLU A 293 2.82 -2.27 -11.22
CA GLU A 293 2.13 -1.56 -12.29
C GLU A 293 2.20 -2.34 -13.58
N TYR A 294 3.32 -3.02 -13.83
CA TYR A 294 3.40 -3.85 -15.05
C TYR A 294 2.41 -5.02 -14.99
N PHE A 295 2.28 -5.63 -13.81
CA PHE A 295 1.37 -6.77 -13.64
C PHE A 295 -0.09 -6.39 -13.86
N HIS A 296 -0.44 -5.14 -13.57
CA HIS A 296 -1.76 -4.64 -13.88
C HIS A 296 -2.08 -4.73 -15.36
N ASN A 297 -1.06 -4.82 -16.24
CA ASN A 297 -1.39 -4.84 -17.66
C ASN A 297 -2.38 -5.96 -17.97
N TRP A 298 -2.25 -7.09 -17.30
CA TRP A 298 -3.25 -8.15 -17.39
C TRP A 298 -4.30 -8.09 -16.28
N THR A 299 -3.87 -7.94 -15.03
CA THR A 299 -4.81 -7.97 -13.92
C THR A 299 -5.19 -6.52 -13.53
N GLY A 300 -6.09 -6.00 -14.36
CA GLY A 300 -6.55 -4.63 -14.28
C GLY A 300 -6.89 -4.00 -15.63
N ASN A 301 -6.01 -4.18 -16.62
CA ASN A 301 -6.17 -3.50 -17.89
C ASN A 301 -6.83 -4.42 -18.90
N ARG A 302 -6.22 -5.57 -19.17
CA ARG A 302 -6.82 -6.52 -20.12
C ARG A 302 -8.14 -7.06 -19.61
N VAL A 303 -8.19 -7.35 -18.30
CA VAL A 303 -9.44 -7.60 -17.60
C VAL A 303 -9.58 -6.53 -16.54
N THR A 304 -10.66 -5.75 -16.59
CA THR A 304 -10.83 -4.65 -15.67
C THR A 304 -12.02 -4.87 -14.72
N CYS A 305 -12.44 -3.82 -14.01
CA CYS A 305 -13.49 -3.88 -12.96
C CYS A 305 -14.82 -3.40 -13.50
N ARG A 306 -15.88 -4.16 -13.22
CA ARG A 306 -17.23 -3.79 -13.61
C ARG A 306 -17.64 -2.47 -12.95
N ASP A 307 -17.20 -2.28 -11.71
CA ASP A 307 -17.62 -1.16 -10.89
C ASP A 307 -16.59 -1.03 -9.80
N TRP A 308 -16.59 0.09 -9.07
CA TRP A 308 -15.51 0.34 -8.13
C TRP A 308 -15.60 -0.49 -6.86
N PHE A 309 -16.76 -1.10 -6.58
CA PHE A 309 -16.85 -2.02 -5.46
C PHE A 309 -15.94 -3.20 -5.68
N GLN A 310 -15.63 -3.50 -6.95
CA GLN A 310 -14.76 -4.65 -7.29
C GLN A 310 -13.27 -4.29 -7.31
N LEU A 311 -12.87 -3.16 -6.72
CA LEU A 311 -11.48 -2.73 -6.78
C LEU A 311 -10.48 -3.83 -6.42
N SER A 312 -10.79 -4.64 -5.41
CA SER A 312 -9.85 -5.69 -4.99
C SER A 312 -9.64 -6.77 -6.07
N LEU A 313 -10.58 -6.94 -6.98
CA LEU A 313 -10.41 -7.81 -8.13
C LEU A 313 -9.05 -7.56 -8.83
N LYS A 314 -8.72 -6.30 -9.02
CA LYS A 314 -7.44 -5.97 -9.62
C LYS A 314 -6.38 -5.71 -8.57
N GLU A 315 -6.73 -5.06 -7.45
CA GLU A 315 -5.67 -4.69 -6.53
C GLU A 315 -5.21 -5.83 -5.62
N GLY A 316 -6.11 -6.63 -5.07
CA GLY A 316 -5.67 -7.78 -4.30
C GLY A 316 -4.85 -8.75 -5.11
N LEU A 317 -5.31 -8.99 -6.31
CA LEU A 317 -4.64 -9.90 -7.22
C LEU A 317 -3.28 -9.35 -7.67
N THR A 318 -3.23 -8.06 -7.96
CA THR A 318 -1.96 -7.48 -8.42
C THR A 318 -0.98 -7.32 -7.27
N VAL A 319 -1.45 -7.00 -6.06
CA VAL A 319 -0.55 -7.04 -4.90
C VAL A 319 -0.01 -8.46 -4.68
N PHE A 320 -0.86 -9.48 -4.77
CA PHE A 320 -0.38 -10.86 -4.66
C PHE A 320 0.73 -11.12 -5.67
N ARG A 321 0.50 -10.71 -6.91
CA ARG A 321 1.49 -10.86 -7.98
C ARG A 321 2.77 -10.11 -7.64
N ASP A 322 2.72 -8.86 -7.14
CA ASP A 322 3.97 -8.18 -6.83
C ASP A 322 4.66 -8.84 -5.62
N GLN A 323 3.89 -9.37 -4.68
CA GLN A 323 4.51 -10.09 -3.56
C GLN A 323 5.23 -11.35 -4.04
N GLU A 324 4.63 -12.08 -4.98
CA GLU A 324 5.20 -13.32 -5.46
C GLU A 324 6.44 -13.03 -6.32
N PHE A 325 6.40 -11.93 -7.06
CA PHE A 325 7.53 -11.51 -7.88
C PHE A 325 8.72 -11.22 -6.97
N SER A 326 8.49 -10.41 -5.93
CA SER A 326 9.56 -10.05 -5.03
C SER A 326 10.09 -11.26 -4.28
N GLY A 327 9.21 -12.17 -3.90
CA GLY A 327 9.68 -13.36 -3.19
C GLY A 327 10.48 -14.30 -4.07
N ASP A 328 10.13 -14.35 -5.34
CA ASP A 328 10.88 -15.17 -6.31
C ASP A 328 12.23 -14.52 -6.60
N ARG A 329 12.33 -13.20 -6.50
CA ARG A 329 13.61 -12.49 -6.69
C ARG A 329 14.63 -12.84 -5.62
N ALA A 330 14.21 -12.80 -4.36
CA ALA A 330 15.12 -13.04 -3.24
C ALA A 330 14.33 -13.15 -1.94
N SER A 331 14.89 -13.85 -0.97
CA SER A 331 14.50 -13.72 0.45
C SER A 331 13.00 -13.91 0.67
N ARG A 332 12.46 -15.01 0.16
CA ARG A 332 11.01 -15.17 0.15
C ARG A 332 10.39 -15.19 1.56
N ALA A 333 10.99 -15.94 2.47
CA ALA A 333 10.45 -16.08 3.82
C ALA A 333 10.45 -14.77 4.60
N VAL A 334 11.56 -14.06 4.56
CA VAL A 334 11.65 -12.78 5.24
C VAL A 334 10.67 -11.78 4.66
N ARG A 335 10.55 -11.74 3.34
CA ARG A 335 9.65 -10.80 2.69
C ARG A 335 8.20 -11.16 3.02
N ARG A 336 7.90 -12.46 3.12
CA ARG A 336 6.55 -12.91 3.53
C ARG A 336 6.23 -12.40 4.94
N ILE A 337 7.18 -12.51 5.85
CA ILE A 337 6.95 -12.01 7.22
C ILE A 337 6.79 -10.49 7.25
N GLU A 338 7.57 -9.79 6.44
CA GLU A 338 7.38 -8.35 6.32
C GLU A 338 5.94 -8.00 5.93
N ASN A 339 5.40 -8.77 4.99
CA ASN A 339 4.04 -8.52 4.51
C ASN A 339 3.02 -8.81 5.61
N ILE A 340 3.20 -9.91 6.32
CA ILE A 340 2.31 -10.28 7.44
C ILE A 340 2.36 -9.18 8.52
N ARG A 341 3.56 -8.72 8.83
CA ARG A 341 3.73 -7.68 9.85
C ARG A 341 3.00 -6.39 9.45
N LEU A 342 3.13 -5.97 8.20
CA LEU A 342 2.42 -4.77 7.72
CA LEU A 342 2.43 -4.76 7.77
C LEU A 342 0.92 -4.96 7.84
N LEU A 343 0.44 -6.13 7.47
CA LEU A 343 -1.00 -6.36 7.54
C LEU A 343 -1.48 -6.25 8.98
N ARG A 344 -0.78 -6.86 9.91
CA ARG A 344 -1.28 -6.90 11.29
C ARG A 344 -1.09 -5.55 11.96
N GLN A 345 -0.09 -4.80 11.54
CA GLN A 345 0.13 -3.48 12.13
C GLN A 345 -0.81 -2.41 11.60
N HIS A 346 -1.27 -2.54 10.36
CA HIS A 346 -2.04 -1.47 9.74
C HIS A 346 -3.43 -1.92 9.30
N GLN A 347 -3.56 -3.14 8.81
CA GLN A 347 -4.87 -3.57 8.33
C GLN A 347 -5.73 -4.06 9.49
N PHE A 348 -5.13 -4.76 10.47
CA PHE A 348 -5.95 -5.28 11.57
C PHE A 348 -6.61 -4.14 12.34
N PRO A 349 -5.89 -3.04 12.63
CA PRO A 349 -6.58 -1.92 13.27
C PRO A 349 -7.71 -1.32 12.43
N GLU A 350 -7.56 -1.34 11.11
CA GLU A 350 -8.64 -0.90 10.24
C GLU A 350 -9.87 -1.76 10.41
N ASP A 351 -9.69 -3.08 10.41
CA ASP A 351 -10.82 -4.00 10.53
C ASP A 351 -11.48 -3.95 11.92
N ALA A 352 -10.74 -3.48 12.93
CA ALA A 352 -11.23 -3.36 14.30
C ALA A 352 -11.85 -1.99 14.60
N GLY A 353 -11.68 -1.06 13.66
CA GLY A 353 -12.07 0.32 13.87
C GLY A 353 -13.32 0.76 13.13
N PRO A 354 -13.62 2.05 13.21
CA PRO A 354 -14.89 2.61 12.73
C PRO A 354 -15.01 2.63 11.21
N THR A 355 -13.89 2.49 10.49
CA THR A 355 -13.95 2.55 9.04
C THR A 355 -13.84 1.15 8.43
N ALA A 356 -13.95 0.11 9.26
CA ALA A 356 -13.88 -1.27 8.78
C ALA A 356 -14.86 -1.51 7.63
N HIS A 357 -14.39 -2.24 6.63
CA HIS A 357 -15.22 -2.57 5.46
C HIS A 357 -14.80 -3.91 4.92
N PRO A 358 -15.69 -4.58 4.15
CA PRO A 358 -15.32 -5.81 3.48
C PRO A 358 -14.33 -5.55 2.35
N VAL A 359 -13.63 -6.60 1.96
CA VAL A 359 -12.70 -6.52 0.83
C VAL A 359 -13.43 -6.01 -0.43
N ARG A 360 -14.67 -6.43 -0.59
CA ARG A 360 -15.61 -5.85 -1.58
C ARG A 360 -16.73 -5.09 -0.88
N PRO A 361 -16.56 -3.78 -0.70
CA PRO A 361 -17.55 -2.99 0.02
C PRO A 361 -18.93 -3.03 -0.64
N ALA A 362 -19.98 -2.87 0.17
CA ALA A 362 -21.33 -2.86 -0.33
C ALA A 362 -21.83 -1.44 -0.60
N SER A 363 -21.11 -0.45 -0.10
CA SER A 363 -21.48 0.94 -0.32
C SER A 363 -20.28 1.87 -0.10
N TYR A 364 -20.37 3.07 -0.66
CA TYR A 364 -19.37 4.11 -0.41
C TYR A 364 -19.97 5.45 -0.76
N GLU A 365 -19.43 6.51 -0.16
CA GLU A 365 -19.81 7.86 -0.54
C GLU A 365 -18.75 8.40 -1.51
N GLU A 366 -17.47 8.26 -1.15
CA GLU A 366 -16.37 8.72 -1.98
C GLU A 366 -15.40 7.57 -2.20
N MSE A 367 -15.27 7.12 -3.46
CA MSE A 367 -14.48 5.94 -3.73
C MSE A 367 -13.00 6.08 -3.39
O MSE A 367 -12.32 5.11 -3.05
CB MSE A 367 -14.64 5.54 -5.21
CG MSE A 367 -13.89 4.30 -5.62
SE MSE A 367 -14.47 2.83 -4.54
CE MSE A 367 -12.89 1.81 -4.68
H MSE A 367 -15.63 7.49 -4.15
HA MSE A 367 -14.84 5.20 -3.20
HB2 MSE A 367 -15.59 5.39 -5.38
HB3 MSE A 367 -14.33 6.27 -5.76
HG2 MSE A 367 -14.08 4.09 -6.55
HG3 MSE A 367 -12.94 4.44 -5.48
HE1 MSE A 367 -13.00 1.00 -4.18
HE2 MSE A 367 -12.74 1.60 -5.62
HE3 MSE A 367 -12.15 2.33 -4.32
N ASN A 368 -12.49 7.30 -3.42
CA ASN A 368 -11.10 7.46 -3.02
C ASN A 368 -10.82 7.08 -1.59
N ASN A 369 -11.85 6.94 -0.76
CA ASN A 369 -11.66 6.49 0.61
C ASN A 369 -11.46 4.97 0.74
N PHE A 370 -11.52 4.24 -0.37
CA PHE A 370 -11.51 2.78 -0.33
C PHE A 370 -10.30 2.17 -1.03
N TYR A 371 -9.26 3.00 -1.23
CA TYR A 371 -7.92 2.52 -1.62
C TYR A 371 -7.17 2.19 -0.34
N THR A 372 -7.57 1.08 0.30
CA THR A 372 -7.23 0.82 1.69
C THR A 372 -6.36 -0.43 1.87
N MSE A 373 -5.77 -0.53 3.04
CA MSE A 373 -5.08 -1.74 3.47
C MSE A 373 -5.96 -2.99 3.34
O MSE A 373 -5.51 -4.09 3.04
CB MSE A 373 -4.64 -1.60 4.92
CG MSE A 373 -3.56 -0.59 5.21
SE MSE A 373 -1.91 -1.24 4.55
CE MSE A 373 -1.75 -2.97 5.42
H MSE A 373 -5.75 0.10 3.63
HA MSE A 373 -4.29 -1.85 2.93
HB2 MSE A 373 -5.42 -1.35 5.45
HB3 MSE A 373 -4.31 -2.46 5.23
HG2 MSE A 373 -3.77 0.25 4.75
HG3 MSE A 373 -3.49 -0.44 6.16
HE1 MSE A 373 -0.93 -3.39 5.15
HE2 MSE A 373 -1.76 -2.84 6.38
HE3 MSE A 373 -2.51 -3.53 5.15
N THR A 374 -7.25 -2.84 3.65
CA THR A 374 -8.19 -3.94 3.48
C THR A 374 -8.33 -4.40 2.02
N VAL A 375 -8.60 -3.46 1.12
CA VAL A 375 -8.80 -3.81 -0.28
C VAL A 375 -7.53 -4.39 -0.91
N TYR A 376 -6.38 -3.83 -0.53
CA TYR A 376 -5.08 -4.19 -1.09
C TYR A 376 -4.45 -5.39 -0.38
N GLU A 377 -4.08 -5.21 0.89
CA GLU A 377 -3.29 -6.22 1.58
C GLU A 377 -4.13 -7.38 2.09
N LYS A 378 -5.30 -7.11 2.66
CA LYS A 378 -6.16 -8.24 2.98
C LYS A 378 -6.66 -8.88 1.67
N GLY A 379 -6.94 -8.02 0.68
CA GLY A 379 -7.27 -8.53 -0.66
C GLY A 379 -6.24 -9.54 -1.17
N ALA A 380 -4.96 -9.22 -1.00
CA ALA A 380 -3.90 -10.13 -1.40
C ALA A 380 -3.88 -11.42 -0.59
N GLU A 381 -4.14 -11.34 0.72
CA GLU A 381 -4.25 -12.54 1.53
C GLU A 381 -5.40 -13.43 1.06
N VAL A 382 -6.49 -12.82 0.61
CA VAL A 382 -7.61 -13.61 0.08
C VAL A 382 -7.18 -14.34 -1.20
N VAL A 383 -6.52 -13.64 -2.12
CA VAL A 383 -6.03 -14.29 -3.32
C VAL A 383 -5.06 -15.41 -2.95
N ARG A 384 -4.15 -15.14 -2.01
CA ARG A 384 -3.19 -16.16 -1.57
C ARG A 384 -3.86 -17.42 -0.99
N MSE A 385 -5.04 -17.28 -0.41
CA MSE A 385 -5.72 -18.47 0.11
C MSE A 385 -6.20 -19.36 -1.03
O MSE A 385 -6.24 -20.56 -0.84
CB MSE A 385 -6.89 -18.11 1.04
CG MSE A 385 -6.40 -17.76 2.42
SE MSE A 385 -7.84 -17.45 3.61
CE MSE A 385 -8.40 -15.77 2.91
H MSE A 385 -5.46 -16.54 -0.29
HA MSE A 385 -5.08 -18.97 0.63
HB2 MSE A 385 -7.36 -17.35 0.68
HB3 MSE A 385 -7.48 -18.87 1.12
HG2 MSE A 385 -5.86 -18.50 2.77
HG3 MSE A 385 -5.87 -16.95 2.37
HE1 MSE A 385 -9.17 -15.46 3.42
HE2 MSE A 385 -7.68 -15.14 2.97
HE3 MSE A 385 -8.66 -15.89 1.98
N TYR A 386 -6.51 -18.81 -2.21
CA TYR A 386 -6.78 -19.68 -3.35
C TYR A 386 -5.52 -20.51 -3.64
N HIS A 387 -4.37 -19.86 -3.59
CA HIS A 387 -3.09 -20.52 -3.83
C HIS A 387 -2.84 -21.61 -2.81
N THR A 388 -3.15 -21.34 -1.55
CA THR A 388 -2.99 -22.32 -0.50
C THR A 388 -3.96 -23.48 -0.68
N LEU A 389 -5.20 -23.20 -1.07
CA LEU A 389 -6.19 -24.27 -1.22
C LEU A 389 -5.89 -25.14 -2.45
N LEU A 390 -5.39 -24.52 -3.51
CA LEU A 390 -5.33 -25.16 -4.83
C LEU A 390 -3.94 -25.62 -5.25
N GLY A 391 -2.89 -25.02 -4.69
CA GLY A 391 -1.54 -25.24 -5.16
C GLY A 391 -1.23 -24.32 -6.35
N GLU A 392 0.04 -24.17 -6.67
CA GLU A 392 0.45 -23.30 -7.77
C GLU A 392 -0.19 -23.75 -9.10
N GLU A 393 -0.15 -25.05 -9.40
CA GLU A 393 -0.71 -25.52 -10.66
C GLU A 393 -2.19 -25.22 -10.77
N GLY A 394 -2.94 -25.47 -9.69
CA GLY A 394 -4.37 -25.24 -9.70
C GLY A 394 -4.66 -23.76 -9.80
N PHE A 395 -3.87 -22.96 -9.08
CA PHE A 395 -4.03 -21.53 -9.15
C PHE A 395 -3.82 -21.04 -10.57
N GLN A 396 -2.80 -21.54 -11.26
CA GLN A 396 -2.56 -21.13 -12.63
C GLN A 396 -3.67 -21.63 -13.58
N LYS A 397 -4.31 -22.77 -13.28
CA LYS A 397 -5.45 -23.20 -14.09
C LYS A 397 -6.58 -22.18 -13.97
N GLY A 398 -6.78 -21.67 -12.75
CA GLY A 398 -7.79 -20.66 -12.51
C GLY A 398 -7.47 -19.39 -13.29
N MSE A 399 -6.22 -18.95 -13.22
CA MSE A 399 -5.78 -17.75 -13.95
C MSE A 399 -6.05 -17.91 -15.43
O MSE A 399 -6.53 -17.00 -16.09
CB MSE A 399 -4.29 -17.46 -13.73
CG MSE A 399 -3.87 -17.17 -12.32
SE MSE A 399 -4.65 -15.58 -11.65
CE MSE A 399 -4.11 -14.32 -12.98
H MSE A 399 -5.60 -19.32 -12.76
HA MSE A 399 -6.28 -16.98 -13.62
HB2 MSE A 399 -3.79 -18.23 -14.04
HB3 MSE A 399 -4.05 -16.69 -14.27
HG2 MSE A 399 -4.13 -17.91 -11.75
HG3 MSE A 399 -2.89 -17.07 -12.30
HE1 MSE A 399 -4.46 -13.45 -12.74
HE2 MSE A 399 -3.15 -14.30 -13.02
HE3 MSE A 399 -4.46 -14.61 -13.84
N LYS A 400 -5.73 -19.09 -15.97
CA LYS A 400 -5.90 -19.33 -17.38
C LYS A 400 -7.36 -19.21 -17.77
N LEU A 401 -8.25 -19.81 -16.99
CA LEU A 401 -9.67 -19.77 -17.31
C LEU A 401 -10.21 -18.34 -17.14
N TYR A 402 -9.71 -17.62 -16.14
CA TYR A 402 -10.13 -16.24 -15.90
C TYR A 402 -9.89 -15.38 -17.15
N PHE A 403 -8.72 -15.48 -17.73
CA PHE A 403 -8.39 -14.70 -18.92
C PHE A 403 -9.11 -15.20 -20.16
N GLN A 404 -9.26 -16.52 -20.28
CA GLN A 404 -10.02 -17.09 -21.39
C GLN A 404 -11.44 -16.52 -21.42
N ARG A 405 -12.08 -16.46 -20.25
CA ARG A 405 -13.46 -16.02 -20.15
C ARG A 405 -13.59 -14.52 -20.27
N HIS A 406 -12.65 -13.80 -19.69
CA HIS A 406 -12.91 -12.39 -19.41
C HIS A 406 -11.95 -11.38 -20.02
N ASP A 407 -10.98 -11.82 -20.84
CA ASP A 407 -10.13 -10.88 -21.57
C ASP A 407 -11.01 -9.85 -22.31
N GLY A 408 -10.71 -8.57 -22.12
CA GLY A 408 -11.47 -7.50 -22.75
C GLY A 408 -12.73 -7.09 -22.02
N GLN A 409 -13.00 -7.72 -20.88
CA GLN A 409 -14.25 -7.43 -20.13
C GLN A 409 -13.97 -6.71 -18.82
N ALA A 410 -15.05 -6.13 -18.29
CA ALA A 410 -15.03 -5.50 -16.97
C ALA A 410 -15.90 -6.36 -16.04
N VAL A 411 -15.25 -7.04 -15.09
CA VAL A 411 -15.91 -8.11 -14.35
C VAL A 411 -15.83 -7.92 -12.83
N THR A 412 -16.22 -8.96 -12.09
CA THR A 412 -16.39 -8.85 -10.64
C THR A 412 -15.52 -9.85 -9.87
N CYS A 413 -15.37 -9.61 -8.58
CA CYS A 413 -14.70 -10.56 -7.69
C CYS A 413 -15.31 -11.96 -7.84
N ASP A 414 -16.65 -12.03 -7.99
CA ASP A 414 -17.34 -13.30 -8.15
C ASP A 414 -16.84 -14.08 -9.34
N ASP A 415 -16.51 -13.36 -10.40
CA ASP A 415 -16.05 -14.01 -11.62
C ASP A 415 -14.65 -14.61 -11.45
N PHE A 416 -13.80 -13.93 -10.71
CA PHE A 416 -12.48 -14.49 -10.39
C PHE A 416 -12.62 -15.76 -9.54
N ARG A 417 -13.44 -15.69 -8.50
CA ARG A 417 -13.71 -16.85 -7.67
C ARG A 417 -14.25 -18.01 -8.51
N ALA A 418 -15.19 -17.73 -9.41
CA ALA A 418 -15.78 -18.79 -10.22
C ALA A 418 -14.76 -19.40 -11.16
N ALA A 419 -13.84 -18.60 -11.69
CA ALA A 419 -12.81 -19.16 -12.56
C ALA A 419 -11.92 -20.13 -11.76
N MSE A 420 -11.55 -19.73 -10.55
CA MSE A 420 -10.76 -20.60 -9.68
C MSE A 420 -11.51 -21.90 -9.35
O MSE A 420 -10.93 -22.99 -9.41
CB MSE A 420 -10.39 -19.88 -8.38
CG MSE A 420 -9.38 -18.78 -8.55
SE MSE A 420 -7.67 -19.60 -8.84
CE MSE A 420 -6.73 -18.13 -9.57
H MSE A 420 -11.73 -18.97 -10.20
HA MSE A 420 -9.93 -20.83 -10.14
HB2 MSE A 420 -11.20 -19.50 -8.00
HB3 MSE A 420 -10.02 -20.53 -7.76
HG2 MSE A 420 -9.61 -18.24 -9.31
HG3 MSE A 420 -9.34 -18.24 -7.74
HE1 MSE A 420 -5.82 -18.40 -9.77
HE2 MSE A 420 -7.17 -17.84 -10.38
HE3 MSE A 420 -6.72 -17.41 -8.92
N ALA A 421 -12.78 -21.78 -9.00
CA ALA A 421 -13.57 -22.94 -8.67
C ALA A 421 -13.74 -23.86 -9.87
N ASP A 422 -14.21 -23.29 -10.98
CA ASP A 422 -14.54 -24.07 -12.18
C ASP A 422 -13.32 -24.75 -12.81
N ALA A 423 -12.17 -24.08 -12.80
CA ALA A 423 -10.97 -24.63 -13.42
C ALA A 423 -10.45 -25.83 -12.64
N ASN A 424 -10.81 -25.91 -11.36
CA ASN A 424 -10.28 -26.95 -10.48
C ASN A 424 -11.33 -27.95 -10.04
N GLY A 425 -12.56 -27.77 -10.50
CA GLY A 425 -13.67 -28.67 -10.17
C GLY A 425 -14.01 -28.73 -8.69
N ILE A 426 -13.93 -27.59 -8.00
CA ILE A 426 -14.09 -27.52 -6.55
C ILE A 426 -15.16 -26.48 -6.20
N ASN A 427 -15.87 -26.68 -5.10
CA ASN A 427 -16.90 -25.73 -4.71
C ASN A 427 -16.31 -24.67 -3.78
N LEU A 428 -16.32 -23.41 -4.23
CA LEU A 428 -15.81 -22.29 -3.43
C LEU A 428 -16.93 -21.32 -3.05
N ASP A 429 -18.15 -21.82 -2.91
CA ASP A 429 -19.27 -20.95 -2.54
C ASP A 429 -19.04 -20.25 -1.21
N GLN A 430 -18.61 -20.99 -0.20
CA GLN A 430 -18.36 -20.41 1.12
C GLN A 430 -17.23 -19.35 1.08
N PHE A 431 -16.32 -19.52 0.14
CA PHE A 431 -15.21 -18.58 0.00
C PHE A 431 -15.66 -17.15 -0.29
N ALA A 432 -16.85 -16.99 -0.87
CA ALA A 432 -17.40 -15.68 -1.17
C ALA A 432 -17.44 -14.77 0.06
N LEU A 433 -17.57 -15.36 1.25
CA LEU A 433 -17.63 -14.55 2.49
C LEU A 433 -16.34 -13.79 2.79
N TRP A 434 -15.20 -14.21 2.21
CA TRP A 434 -13.98 -13.41 2.34
C TRP A 434 -14.10 -12.05 1.66
N TYR A 435 -15.02 -11.94 0.70
CA TYR A 435 -15.28 -10.66 0.05
C TYR A 435 -16.34 -9.82 0.70
N SER A 436 -17.31 -10.46 1.36
CA SER A 436 -18.49 -9.73 1.83
C SER A 436 -18.53 -9.52 3.34
N GLN A 437 -17.72 -10.27 4.09
CA GLN A 437 -17.68 -10.11 5.55
C GLN A 437 -16.41 -9.41 6.01
N ALA A 438 -16.60 -8.25 6.64
CA ALA A 438 -15.53 -7.49 7.23
C ALA A 438 -15.18 -8.05 8.61
N GLY A 439 -14.06 -7.58 9.16
CA GLY A 439 -13.62 -7.96 10.48
C GLY A 439 -12.58 -9.07 10.42
N THR A 440 -11.75 -9.14 11.45
CA THR A 440 -10.73 -10.19 11.55
C THR A 440 -11.33 -11.41 12.22
N PRO A 441 -11.38 -12.56 11.54
CA PRO A 441 -11.87 -13.74 12.26
C PRO A 441 -10.95 -14.11 13.44
N VAL A 442 -11.57 -14.58 14.51
CA VAL A 442 -10.84 -15.04 15.69
C VAL A 442 -11.02 -16.53 15.85
N LEU A 443 -9.92 -17.24 15.87
CA LEU A 443 -9.93 -18.67 16.08
C LEU A 443 -9.47 -19.00 17.48
N GLU A 444 -10.25 -19.83 18.17
CA GLU A 444 -9.91 -20.28 19.50
C GLU A 444 -9.57 -21.77 19.43
N ALA A 445 -8.31 -22.12 19.69
CA ALA A 445 -7.85 -23.50 19.51
C ALA A 445 -7.37 -24.18 20.81
N GLU A 446 -7.67 -25.48 20.89
CA GLU A 446 -7.30 -26.32 22.03
C GLU A 446 -6.77 -27.64 21.48
N GLY A 447 -5.77 -28.21 22.15
CA GLY A 447 -5.15 -29.43 21.67
C GLY A 447 -4.89 -30.44 22.77
N ARG A 448 -5.11 -31.72 22.45
CA ARG A 448 -4.92 -32.80 23.42
C ARG A 448 -4.37 -34.02 22.69
N LEU A 449 -3.38 -34.66 23.30
CA LEU A 449 -2.87 -35.93 22.80
C LEU A 449 -3.47 -37.03 23.67
N LYS A 450 -4.33 -37.84 23.07
CA LYS A 450 -5.03 -38.91 23.78
C LYS A 450 -5.06 -40.13 22.86
N ASN A 451 -4.74 -41.30 23.42
CA ASN A 451 -4.39 -42.45 22.60
C ASN A 451 -3.17 -42.02 21.77
N ASN A 452 -3.15 -42.35 20.49
CA ASN A 452 -2.11 -41.84 19.60
C ASN A 452 -2.68 -40.82 18.62
N ILE A 453 -3.63 -40.01 19.11
CA ILE A 453 -4.25 -38.96 18.30
C ILE A 453 -4.04 -37.58 18.94
N PHE A 454 -3.53 -36.63 18.16
CA PHE A 454 -3.56 -35.25 18.59
C PHE A 454 -4.88 -34.66 18.12
N GLU A 455 -5.76 -34.34 19.06
CA GLU A 455 -7.06 -33.79 18.76
C GLU A 455 -6.98 -32.28 18.88
N LEU A 456 -7.13 -31.60 17.75
CA LEU A 456 -7.08 -30.15 17.70
C LEU A 456 -8.48 -29.62 17.47
N THR A 457 -9.04 -28.97 18.49
CA THR A 457 -10.36 -28.37 18.36
C THR A 457 -10.20 -26.90 18.06
N VAL A 458 -10.90 -26.41 17.03
CA VAL A 458 -10.79 -25.00 16.62
C VAL A 458 -12.18 -24.42 16.47
N LYS A 459 -12.41 -23.27 17.10
CA LYS A 459 -13.65 -22.54 16.93
C LYS A 459 -13.35 -21.27 16.17
N GLN A 460 -14.31 -20.79 15.39
CA GLN A 460 -14.14 -19.50 14.71
C GLN A 460 -15.31 -18.60 15.00
N THR A 461 -14.99 -17.32 15.04
CA THR A 461 -15.97 -16.31 15.28
C THR A 461 -15.52 -15.06 14.53
N VAL A 462 -16.46 -14.26 14.02
CA VAL A 462 -16.12 -12.96 13.42
C VAL A 462 -16.98 -11.87 14.04
N PRO A 463 -16.37 -10.77 14.54
CA PRO A 463 -17.16 -9.75 15.20
C PRO A 463 -18.04 -8.96 14.25
N PRO A 464 -19.19 -8.47 14.75
CA PRO A 464 -19.88 -7.41 14.03
C PRO A 464 -18.93 -6.27 13.68
N THR A 465 -19.21 -5.65 12.54
CA THR A 465 -18.54 -4.42 12.10
C THR A 465 -19.65 -3.40 11.82
N PRO A 466 -19.29 -2.12 11.60
CA PRO A 466 -20.36 -1.09 11.55
C PRO A 466 -21.36 -1.31 10.42
N ASP A 467 -20.93 -2.00 9.38
CA ASP A 467 -21.72 -2.31 8.23
C ASP A 467 -22.61 -3.55 8.34
N MSE A 468 -22.28 -4.44 9.28
CA MSE A 468 -22.90 -5.78 9.29
C MSE A 468 -22.71 -6.52 10.63
O MSE A 468 -21.57 -6.66 11.10
CB MSE A 468 -22.28 -6.64 8.18
CG MSE A 468 -22.91 -8.01 8.08
SE MSE A 468 -22.02 -9.05 6.75
CE MSE A 468 -22.75 -8.17 5.20
H MSE A 468 -21.72 -4.29 9.92
HA MSE A 468 -23.84 -5.70 9.11
HB2 MSE A 468 -22.40 -6.19 7.33
HB3 MSE A 468 -21.33 -6.75 8.36
HG2 MSE A 468 -22.83 -8.47 8.93
HG3 MSE A 468 -23.85 -7.91 7.83
HE1 MSE A 468 -22.39 -8.59 4.41
HE2 MSE A 468 -23.72 -8.25 5.21
HE3 MSE A 468 -22.50 -7.23 5.22
N THR A 469 -23.81 -6.97 11.24
CA THR A 469 -23.73 -7.72 12.46
C THR A 469 -23.60 -9.23 12.25
N ASP A 470 -24.40 -9.79 11.34
CA ASP A 470 -24.37 -11.22 11.10
C ASP A 470 -23.09 -11.64 10.39
N LYS A 471 -22.35 -12.55 10.99
CA LYS A 471 -21.13 -13.08 10.36
C LYS A 471 -21.19 -14.58 10.49
N GLN A 472 -21.22 -15.23 9.34
CA GLN A 472 -21.35 -16.68 9.28
C GLN A 472 -19.96 -17.33 9.21
N PRO A 473 -19.88 -18.63 9.51
CA PRO A 473 -18.59 -19.31 9.44
C PRO A 473 -17.96 -19.22 8.08
N MSE A 474 -16.66 -19.07 8.08
CA MSE A 474 -15.91 -18.84 6.84
C MSE A 474 -15.05 -20.05 6.54
O MSE A 474 -14.94 -20.97 7.35
CB MSE A 474 -15.08 -17.57 6.98
CG MSE A 474 -15.99 -16.37 7.13
SE MSE A 474 -15.14 -14.77 7.57
CE MSE A 474 -14.35 -14.46 5.93
H MSE A 474 -16.16 -19.10 8.78
HA MSE A 474 -16.54 -18.71 6.12
HB2 MSE A 474 -14.52 -17.63 7.76
HB3 MSE A 474 -14.54 -17.45 6.18
HG2 MSE A 474 -16.45 -16.24 6.28
HG3 MSE A 474 -16.63 -16.57 7.82
HE1 MSE A 474 -13.85 -13.63 5.97
HE2 MSE A 474 -13.75 -15.20 5.73
HE3 MSE A 474 -15.04 -14.39 5.25
N MSE A 475 -14.50 -20.07 5.33
CA MSE A 475 -13.60 -21.14 4.90
C MSE A 475 -12.17 -20.72 5.21
O MSE A 475 -11.61 -19.85 4.55
CB MSE A 475 -13.77 -21.41 3.41
CG MSE A 475 -12.87 -22.50 2.92
SE MSE A 475 -13.08 -22.73 1.03
CE MSE A 475 -14.84 -23.51 0.97
H MSE A 475 -14.63 -19.46 4.73
HA MSE A 475 -13.81 -21.95 5.39
HB2 MSE A 475 -14.69 -21.68 3.24
HB3 MSE A 475 -13.57 -20.60 2.91
HG2 MSE A 475 -11.94 -22.25 3.10
HG3 MSE A 475 -13.09 -23.33 3.36
HE1 MSE A 475 -15.08 -23.68 0.05
HE2 MSE A 475 -14.83 -24.33 1.48
HE3 MSE A 475 -15.47 -22.89 1.37
N ILE A 476 -11.56 -21.37 6.21
CA ILE A 476 -10.31 -20.88 6.78
C ILE A 476 -9.25 -21.99 6.78
N PRO A 477 -8.24 -21.90 5.88
CA PRO A 477 -7.20 -22.92 5.90
C PRO A 477 -6.20 -22.67 7.00
N VAL A 478 -5.98 -23.70 7.83
CA VAL A 478 -5.05 -23.62 8.95
C VAL A 478 -3.94 -24.62 8.76
N LYS A 479 -2.78 -24.15 8.33
CA LYS A 479 -1.64 -25.02 8.11
C LYS A 479 -0.98 -25.37 9.44
N VAL A 480 -0.66 -26.66 9.64
CA VAL A 480 -0.17 -27.14 10.93
C VAL A 480 0.96 -28.15 10.85
N GLY A 481 1.72 -28.22 11.95
CA GLY A 481 2.73 -29.24 12.16
C GLY A 481 2.87 -29.51 13.65
N LEU A 482 3.69 -30.49 14.00
CA LEU A 482 3.91 -30.87 15.40
C LEU A 482 5.40 -30.96 15.73
N LEU A 483 5.78 -30.47 16.91
CA LEU A 483 7.15 -30.58 17.40
C LEU A 483 7.24 -31.46 18.63
N ASN A 484 8.24 -32.33 18.70
CA ASN A 484 8.44 -33.10 19.92
C ASN A 484 9.25 -32.29 20.92
N ARG A 485 9.61 -32.94 22.02
CA ARG A 485 10.23 -32.27 23.16
C ARG A 485 11.56 -31.61 22.78
N ASN A 486 12.24 -32.17 21.78
CA ASN A 486 13.49 -31.59 21.30
C ASN A 486 13.30 -30.75 20.05
N GLY A 487 12.07 -30.29 19.84
CA GLY A 487 11.79 -29.39 18.72
C GLY A 487 11.96 -30.03 17.35
N GLU A 488 11.95 -31.36 17.30
CA GLU A 488 11.99 -32.06 16.01
C GLU A 488 10.61 -32.21 15.44
N ALA A 489 10.52 -32.19 14.11
CA ALA A 489 9.26 -32.43 13.42
C ALA A 489 8.73 -33.82 13.71
N VAL A 490 7.43 -33.90 13.95
CA VAL A 490 6.76 -35.17 14.22
C VAL A 490 5.69 -35.40 13.15
N ALA A 491 5.72 -36.60 12.55
CA ALA A 491 4.77 -36.95 11.51
C ALA A 491 3.45 -37.43 12.11
N PHE A 492 2.39 -37.30 11.31
CA PHE A 492 1.05 -37.68 11.74
C PHE A 492 0.22 -38.07 10.53
N ASP A 493 -0.89 -38.76 10.77
CA ASP A 493 -1.77 -39.16 9.69
C ASP A 493 -2.99 -38.24 9.61
N TYR A 494 -3.25 -37.73 8.42
CA TYR A 494 -4.42 -36.90 8.18
C TYR A 494 -4.96 -37.13 6.77
N GLN A 495 -6.25 -37.41 6.68
CA GLN A 495 -6.90 -37.70 5.40
C GLN A 495 -6.13 -38.78 4.67
N GLY A 496 -5.83 -39.85 5.39
CA GLY A 496 -5.14 -41.01 4.84
C GLY A 496 -3.75 -40.73 4.31
N LYS A 497 -3.10 -39.69 4.84
CA LYS A 497 -1.73 -39.37 4.42
C LYS A 497 -0.83 -39.11 5.63
N ARG A 498 0.34 -39.74 5.61
CA ARG A 498 1.34 -39.56 6.67
C ARG A 498 2.33 -38.49 6.26
N ALA A 499 2.32 -37.36 6.97
CA ALA A 499 3.21 -36.24 6.67
C ALA A 499 3.54 -35.44 7.93
N THR A 500 4.40 -34.44 7.76
CA THR A 500 4.82 -33.59 8.87
C THR A 500 4.06 -32.26 8.84
N GLU A 501 3.28 -32.07 7.77
CA GLU A 501 2.52 -30.82 7.60
C GLU A 501 1.19 -31.11 6.91
N ALA A 502 0.15 -30.38 7.31
CA ALA A 502 -1.15 -30.49 6.66
C ALA A 502 -1.87 -29.15 6.71
N VAL A 503 -2.77 -28.96 5.75
CA VAL A 503 -3.71 -27.83 5.80
C VAL A 503 -5.06 -28.32 6.30
N LEU A 504 -5.46 -27.83 7.47
CA LEU A 504 -6.73 -28.15 8.09
C LEU A 504 -7.75 -27.15 7.62
N LEU A 505 -8.81 -27.62 6.98
CA LEU A 505 -9.77 -26.69 6.39
C LEU A 505 -10.94 -26.53 7.34
N LEU A 506 -10.92 -25.41 8.05
CA LEU A 506 -12.00 -25.10 8.98
C LEU A 506 -13.14 -24.43 8.20
N THR A 507 -14.31 -25.07 8.17
CA THR A 507 -15.48 -24.51 7.46
C THR A 507 -16.70 -24.31 8.37
N GLU A 508 -16.65 -24.88 9.56
CA GLU A 508 -17.77 -24.80 10.50
C GLU A 508 -17.44 -23.91 11.68
N ALA A 509 -18.45 -23.58 12.48
CA ALA A 509 -18.25 -22.76 13.66
C ALA A 509 -17.26 -23.40 14.62
N GLU A 510 -17.30 -24.71 14.70
CA GLU A 510 -16.39 -25.45 15.54
C GLU A 510 -16.15 -26.82 14.93
N GLN A 511 -14.89 -27.23 14.88
CA GLN A 511 -14.50 -28.53 14.33
C GLN A 511 -13.35 -29.11 15.15
N THR A 512 -13.28 -30.44 15.17
CA THR A 512 -12.16 -31.15 15.75
C THR A 512 -11.42 -31.85 14.64
N PHE A 513 -10.09 -31.69 14.63
CA PHE A 513 -9.23 -32.33 13.64
C PHE A 513 -8.42 -33.41 14.34
N LEU A 514 -8.42 -34.59 13.75
CA LEU A 514 -7.73 -35.75 14.32
C LEU A 514 -6.42 -36.01 13.59
N LEU A 515 -5.31 -35.70 14.24
CA LEU A 515 -3.98 -36.01 13.73
C LEU A 515 -3.59 -37.34 14.36
N GLU A 516 -3.61 -38.38 13.55
CA GLU A 516 -3.52 -39.74 14.09
C GLU A 516 -2.13 -40.33 13.93
N GLY A 517 -1.83 -41.37 14.70
CA GLY A 517 -0.55 -42.02 14.61
C GLY A 517 0.60 -41.19 15.16
N VAL A 518 0.32 -40.44 16.22
CA VAL A 518 1.33 -39.57 16.84
C VAL A 518 1.93 -40.28 18.04
N THR A 519 3.22 -40.61 17.93
CA THR A 519 3.86 -41.55 18.86
C THR A 519 4.62 -40.87 20.00
N GLU A 520 4.65 -39.55 20.02
CA GLU A 520 5.36 -38.80 21.06
C GLU A 520 4.58 -37.58 21.50
N ALA A 521 4.90 -37.08 22.69
CA ALA A 521 4.31 -35.86 23.19
C ALA A 521 4.66 -34.70 22.24
N VAL A 522 3.68 -33.85 21.95
CA VAL A 522 3.89 -32.78 20.96
C VAL A 522 3.40 -31.41 21.41
N VAL A 523 3.99 -30.39 20.79
CA VAL A 523 3.53 -29.02 20.79
C VAL A 523 3.18 -28.66 19.35
N PRO A 524 1.96 -28.19 19.09
CA PRO A 524 1.58 -27.91 17.70
C PRO A 524 2.11 -26.58 17.17
N SER A 525 2.39 -26.56 15.88
CA SER A 525 2.77 -25.36 15.15
C SER A 525 1.56 -24.99 14.31
N LEU A 526 1.01 -23.80 14.49
CA LEU A 526 -0.29 -23.46 13.92
C LEU A 526 -0.29 -22.22 13.05
N LEU A 527 -1.10 -22.26 12.00
CA LEU A 527 -1.25 -21.15 11.07
C LEU A 527 0.06 -20.87 10.33
N ARG A 528 0.76 -21.94 9.95
CA ARG A 528 2.04 -21.81 9.25
C ARG A 528 1.93 -21.03 7.97
N GLY A 529 2.93 -20.18 7.75
CA GLY A 529 2.93 -19.27 6.62
C GLY A 529 1.89 -18.18 6.72
N PHE A 530 1.28 -18.03 7.91
CA PHE A 530 0.11 -17.18 8.13
C PHE A 530 -0.91 -17.58 7.08
N SER A 531 -1.44 -18.80 7.21
CA SER A 531 -2.21 -19.43 6.15
C SER A 531 -3.60 -18.83 5.95
N ALA A 532 -4.08 -18.07 6.92
CA ALA A 532 -5.30 -17.26 6.75
C ALA A 532 -5.17 -15.98 7.55
N PRO A 533 -5.86 -14.90 7.13
CA PRO A 533 -5.66 -13.61 7.80
C PRO A 533 -6.59 -13.52 9.00
N VAL A 534 -6.15 -14.12 10.10
CA VAL A 534 -6.96 -14.31 11.27
C VAL A 534 -6.13 -14.10 12.53
N HIS A 535 -6.84 -13.97 13.66
CA HIS A 535 -6.28 -14.00 15.01
CA HIS A 535 -6.23 -14.01 14.97
C HIS A 535 -6.41 -15.42 15.54
N LEU A 536 -5.30 -16.07 15.92
CA LEU A 536 -5.37 -17.42 16.49
C LEU A 536 -4.93 -17.40 17.96
N ASN A 537 -5.76 -18.00 18.82
CA ASN A 537 -5.47 -18.11 20.23
C ASN A 537 -5.32 -19.58 20.59
N TYR A 538 -4.12 -19.93 21.04
CA TYR A 538 -3.86 -21.29 21.49
C TYR A 538 -3.11 -21.18 22.81
N PRO A 539 -3.41 -22.07 23.78
CA PRO A 539 -2.73 -21.91 25.07
C PRO A 539 -1.32 -22.46 25.04
N TYR A 540 -0.37 -21.56 24.83
CA TYR A 540 1.05 -21.89 24.87
C TYR A 540 1.67 -21.41 26.16
N SER A 541 2.52 -22.23 26.76
CA SER A 541 3.34 -21.78 27.87
C SER A 541 4.51 -20.99 27.32
N ASP A 542 5.20 -20.26 28.20
CA ASP A 542 6.40 -19.55 27.79
C ASP A 542 7.40 -20.56 27.25
N ASP A 543 7.54 -21.71 27.93
CA ASP A 543 8.45 -22.74 27.45
C ASP A 543 8.06 -23.28 26.06
N ASP A 544 6.75 -23.42 25.80
CA ASP A 544 6.30 -23.80 24.45
C ASP A 544 6.76 -22.78 23.41
N LEU A 545 6.63 -21.51 23.75
CA LEU A 545 7.03 -20.45 22.83
C LEU A 545 8.54 -20.46 22.59
N LEU A 546 9.32 -20.74 23.63
CA LEU A 546 10.77 -20.79 23.45
C LEU A 546 11.13 -21.94 22.52
N LEU A 547 10.47 -23.08 22.72
CA LEU A 547 10.67 -24.22 21.82
C LEU A 547 10.38 -23.86 20.37
N LEU A 548 9.22 -23.25 20.12
CA LEU A 548 8.85 -22.89 18.75
C LEU A 548 9.88 -21.95 18.15
N LEU A 549 10.33 -20.98 18.94
CA LEU A 549 11.22 -19.94 18.44
C LEU A 549 12.59 -20.55 18.13
N ALA A 550 12.99 -21.54 18.93
CA ALA A 550 14.28 -22.18 18.77
C ALA A 550 14.30 -23.21 17.64
N HIS A 551 13.19 -23.90 17.40
CA HIS A 551 13.24 -25.10 16.57
C HIS A 551 12.22 -25.25 15.44
N ASP A 552 11.21 -24.39 15.38
CA ASP A 552 10.16 -24.60 14.38
C ASP A 552 10.72 -24.39 12.99
N SER A 553 10.17 -25.11 12.02
CA SER A 553 10.68 -25.06 10.65
C SER A 553 10.03 -23.98 9.79
N ASP A 554 8.94 -23.41 10.28
CA ASP A 554 8.23 -22.37 9.54
C ASP A 554 8.62 -21.00 10.05
N ALA A 555 8.96 -20.10 9.14
CA ALA A 555 9.41 -18.77 9.52
C ALA A 555 8.37 -17.99 10.31
N PHE A 556 7.13 -17.99 9.85
CA PHE A 556 6.09 -17.21 10.51
C PHE A 556 5.85 -17.67 11.95
N THR A 557 5.71 -18.97 12.15
CA THR A 557 5.40 -19.45 13.48
C THR A 557 6.56 -19.22 14.45
N ARG A 558 7.80 -19.32 13.98
CA ARG A 558 8.96 -18.95 14.80
C ARG A 558 8.89 -17.48 15.20
N TRP A 559 8.66 -16.62 14.22
CA TRP A 559 8.59 -15.19 14.45
C TRP A 559 7.41 -14.84 15.35
N GLU A 560 6.26 -15.50 15.15
CA GLU A 560 5.09 -15.24 15.97
C GLU A 560 5.31 -15.66 17.43
N ALA A 561 6.09 -16.71 17.66
CA ALA A 561 6.45 -17.08 19.02
C ALA A 561 7.24 -15.95 19.70
N ALA A 562 8.19 -15.36 18.99
CA ALA A 562 8.93 -14.22 19.55
C ALA A 562 8.00 -13.03 19.78
N GLN A 563 7.16 -12.70 18.80
CA GLN A 563 6.20 -11.62 18.94
C GLN A 563 5.35 -11.79 20.19
N THR A 564 4.93 -13.03 20.43
CA THR A 564 4.12 -13.35 21.59
C THR A 564 4.88 -13.13 22.91
N LEU A 565 6.13 -13.55 22.96
CA LEU A 565 6.96 -13.29 24.14
C LEU A 565 7.11 -11.81 24.41
N TYR A 566 7.32 -11.05 23.35
CA TYR A 566 7.42 -9.59 23.52
C TYR A 566 6.09 -9.01 24.01
N ARG A 567 4.99 -9.48 23.44
CA ARG A 567 3.68 -9.00 23.83
C ARG A 567 3.42 -9.27 25.31
N ARG A 568 3.75 -10.48 25.74
CA ARG A 568 3.58 -10.82 27.15
C ARG A 568 4.48 -9.98 28.07
N ALA A 569 5.69 -9.64 27.61
CA ALA A 569 6.60 -8.83 28.40
C ALA A 569 6.08 -7.41 28.56
N VAL A 570 5.55 -6.84 27.48
CA VAL A 570 4.95 -5.52 27.56
C VAL A 570 3.74 -5.53 28.50
N ALA A 571 2.93 -6.57 28.41
CA ALA A 571 1.79 -6.68 29.33
C ALA A 571 2.27 -6.71 30.77
N ALA A 572 3.35 -7.43 31.05
CA ALA A 572 3.89 -7.48 32.41
C ALA A 572 4.41 -6.11 32.84
N ASN A 573 5.01 -5.37 31.91
CA ASN A 573 5.46 -4.01 32.21
C ASN A 573 4.30 -3.09 32.55
N LEU A 574 3.23 -3.23 31.78
CA LEU A 574 2.03 -2.44 32.03
C LEU A 574 1.57 -2.60 33.45
N ALA A 575 1.56 -3.84 33.92
CA ALA A 575 1.11 -4.18 35.27
C ALA A 575 1.99 -3.58 36.37
N THR A 576 3.31 -3.71 36.24
CA THR A 576 4.21 -3.20 37.26
C THR A 576 4.23 -1.68 37.29
N LEU A 577 4.23 -1.06 36.11
CA LEU A 577 4.23 0.39 36.01
C LEU A 577 2.94 0.94 36.63
N SER A 578 1.86 0.18 36.46
CA SER A 578 0.57 0.56 37.02
C SER A 578 0.54 0.38 38.54
N ASP A 579 1.19 -0.66 39.03
CA ASP A 579 1.25 -0.92 40.48
C ASP A 579 2.35 -0.11 41.16
N GLY A 580 3.11 0.66 40.40
CA GLY A 580 4.17 1.46 40.95
C GLY A 580 5.28 0.64 41.60
N VAL A 581 5.60 -0.50 41.00
CA VAL A 581 6.69 -1.33 41.47
C VAL A 581 7.75 -1.51 40.40
N GLU A 582 8.83 -2.18 40.78
CA GLU A 582 9.96 -2.43 39.88
C GLU A 582 9.52 -3.20 38.62
N LEU A 583 10.18 -2.94 37.50
CA LEU A 583 9.91 -3.69 36.28
C LEU A 583 10.18 -5.18 36.45
N PRO A 584 9.49 -6.04 35.68
CA PRO A 584 9.75 -7.48 35.74
C PRO A 584 11.16 -7.83 35.31
N LYS A 585 11.63 -9.02 35.69
CA LYS A 585 12.97 -9.42 35.32
C LYS A 585 13.04 -9.93 33.88
N HIS A 586 11.91 -10.41 33.36
CA HIS A 586 11.85 -10.99 32.02
C HIS A 586 12.96 -12.02 31.78
N GLU A 587 13.21 -12.88 32.76
CA GLU A 587 14.36 -13.79 32.64
C GLU A 587 14.28 -14.69 31.41
N LYS A 588 13.13 -15.31 31.17
CA LYS A 588 12.99 -16.22 30.02
C LYS A 588 13.09 -15.50 28.68
N LEU A 589 12.46 -14.33 28.58
CA LEU A 589 12.59 -13.55 27.36
C LEU A 589 14.04 -13.18 27.09
N LEU A 590 14.74 -12.70 28.10
CA LEU A 590 16.15 -12.32 27.91
C LEU A 590 16.99 -13.53 27.49
N ALA A 591 16.67 -14.69 28.02
CA ALA A 591 17.38 -15.91 27.63
C ALA A 591 17.10 -16.24 26.17
N ALA A 592 15.84 -16.07 25.76
CA ALA A 592 15.44 -16.31 24.38
C ALA A 592 16.13 -15.36 23.40
N VAL A 593 16.22 -14.09 23.76
CA VAL A 593 16.82 -13.09 22.89
C VAL A 593 18.34 -13.30 22.81
N GLU A 594 18.95 -13.66 23.94
CA GLU A 594 20.38 -13.96 23.95
C GLU A 594 20.68 -15.07 22.92
N LYS A 595 19.80 -16.05 22.86
CA LYS A 595 19.96 -17.17 21.95
C LYS A 595 19.87 -16.70 20.50
N VAL A 596 18.89 -15.84 20.21
CA VAL A 596 18.73 -15.29 18.88
C VAL A 596 19.96 -14.49 18.48
N ILE A 597 20.43 -13.63 19.39
CA ILE A 597 21.58 -12.78 19.11
C ILE A 597 22.79 -13.65 18.75
N SER A 598 22.96 -14.73 19.49
CA SER A 598 24.19 -15.54 19.40
C SER A 598 24.14 -16.63 18.33
N ASP A 599 22.99 -16.81 17.69
CA ASP A 599 22.82 -17.87 16.69
C ASP A 599 23.35 -17.40 15.33
N ASP A 600 24.45 -18.01 14.89
CA ASP A 600 25.05 -17.62 13.62
C ASP A 600 24.49 -18.39 12.42
N LEU A 601 23.55 -19.30 12.67
CA LEU A 601 22.87 -20.02 11.58
C LEU A 601 21.60 -19.29 11.11
N LEU A 602 21.14 -18.32 11.88
CA LEU A 602 19.99 -17.51 11.48
C LEU A 602 20.33 -16.56 10.34
N ASP A 603 19.48 -16.55 9.33
CA ASP A 603 19.52 -15.52 8.29
C ASP A 603 19.54 -14.12 8.93
N ASN A 604 20.37 -13.23 8.42
CA ASN A 604 20.55 -11.92 9.05
C ASN A 604 19.26 -11.12 9.10
N ALA A 605 18.56 -11.07 7.99
CA ALA A 605 17.34 -10.29 7.95
C ALA A 605 16.25 -10.96 8.80
N PHE A 606 16.25 -12.29 8.88
CA PHE A 606 15.28 -12.99 9.74
C PHE A 606 15.60 -12.71 11.21
N LYS A 607 16.88 -12.76 11.57
CA LYS A 607 17.30 -12.36 12.92
C LYS A 607 16.82 -10.94 13.27
N ALA A 608 16.94 -10.02 12.32
CA ALA A 608 16.51 -8.65 12.56
C ALA A 608 15.00 -8.61 12.91
N LEU A 609 14.21 -9.42 12.21
CA LEU A 609 12.77 -9.48 12.47
C LEU A 609 12.46 -10.09 13.84
N LEU A 610 13.23 -11.08 14.26
CA LEU A 610 13.05 -11.70 15.57
C LEU A 610 13.36 -10.73 16.70
N LEU A 611 14.10 -9.67 16.38
CA LEU A 611 14.52 -8.65 17.37
C LEU A 611 13.65 -7.39 17.34
N GLY A 612 12.57 -7.44 16.57
CA GLY A 612 11.64 -6.34 16.48
C GLY A 612 10.46 -6.54 17.43
N VAL A 613 10.11 -5.49 18.16
CA VAL A 613 9.05 -5.53 19.15
C VAL A 613 7.77 -5.02 18.52
N PRO A 614 6.63 -5.70 18.76
CA PRO A 614 5.36 -5.24 18.17
C PRO A 614 5.10 -3.79 18.46
N SER A 615 4.40 -3.12 17.56
CA SER A 615 4.10 -1.71 17.73
C SER A 615 3.02 -1.49 18.79
N GLU A 616 2.95 -0.26 19.29
CA GLU A 616 1.90 0.11 20.24
C GLU A 616 0.50 -0.31 19.78
N ALA A 617 0.16 -0.05 18.53
CA ALA A 617 -1.15 -0.43 17.99
C ALA A 617 -1.41 -1.93 18.09
N GLU A 618 -0.38 -2.73 17.86
CA GLU A 618 -0.52 -4.17 18.04
C GLU A 618 -0.75 -4.54 19.49
N LEU A 619 -0.07 -3.80 20.37
CA LEU A 619 -0.10 -4.08 21.79
C LEU A 619 -1.45 -3.70 22.39
N TRP A 620 -2.10 -2.64 21.92
CA TRP A 620 -3.39 -2.28 22.49
C TRP A 620 -4.57 -2.83 21.69
N ASP A 621 -4.27 -3.68 20.71
CA ASP A 621 -5.35 -4.38 19.99
C ASP A 621 -6.35 -5.03 20.94
N GLY A 622 -7.62 -4.70 20.77
CA GLY A 622 -8.66 -5.36 21.53
C GLY A 622 -8.95 -4.71 22.86
N ALA A 623 -8.21 -3.65 23.17
CA ALA A 623 -8.38 -2.97 24.45
C ALA A 623 -9.42 -1.84 24.35
N GLU A 624 -9.92 -1.47 25.53
CA GLU A 624 -10.87 -0.38 25.72
C GLU A 624 -10.18 0.64 26.61
N ASN A 625 -10.63 1.89 26.53
CA ASN A 625 -10.19 2.92 27.45
C ASN A 625 -8.68 3.06 27.46
N ILE A 626 -8.14 3.12 26.26
CA ILE A 626 -6.71 3.11 26.02
C ILE A 626 -6.06 4.46 26.37
N ASP A 627 -5.01 4.42 27.20
CA ASP A 627 -4.07 5.55 27.36
C ASP A 627 -2.85 5.22 26.50
N PRO A 628 -2.73 5.84 25.31
CA PRO A 628 -1.65 5.41 24.42
C PRO A 628 -0.26 5.63 25.02
N LEU A 629 -0.13 6.61 25.89
CA LEU A 629 1.17 6.88 26.52
C LEU A 629 1.58 5.79 27.51
N ARG A 630 0.60 5.16 28.17
CA ARG A 630 0.92 4.04 29.04
C ARG A 630 1.49 2.88 28.21
N TYR A 631 0.91 2.60 27.04
CA TYR A 631 1.42 1.55 26.16
C TYR A 631 2.79 1.93 25.62
N HIS A 632 2.93 3.19 25.23
CA HIS A 632 4.23 3.69 24.78
C HIS A 632 5.28 3.50 25.86
N GLN A 633 4.95 3.85 27.10
CA GLN A 633 5.88 3.78 28.23
CA GLN A 633 5.94 3.80 28.15
C GLN A 633 6.32 2.35 28.47
N ALA A 634 5.37 1.43 28.39
CA ALA A 634 5.66 0.02 28.64
C ALA A 634 6.54 -0.57 27.53
N ARG A 635 6.26 -0.19 26.28
CA ARG A 635 7.07 -0.62 25.16
C ARG A 635 8.48 -0.04 25.24
N GLU A 636 8.59 1.27 25.53
CA GLU A 636 9.89 1.90 25.69
C GLU A 636 10.69 1.24 26.79
N ALA A 637 10.04 0.90 27.91
CA ALA A 637 10.75 0.21 29.00
C ALA A 637 11.32 -1.13 28.57
N LEU A 638 10.59 -1.87 27.74
CA LEU A 638 11.10 -3.15 27.24
C LEU A 638 12.28 -2.91 26.32
N LEU A 639 12.16 -1.93 25.44
CA LEU A 639 13.27 -1.65 24.53
C LEU A 639 14.50 -1.21 25.34
N ASP A 640 14.30 -0.36 26.35
CA ASP A 640 15.41 0.08 27.21
C ASP A 640 16.09 -1.11 27.87
N THR A 641 15.31 -2.03 28.37
CA THR A 641 15.87 -3.21 29.04
C THR A 641 16.71 -4.04 28.06
N LEU A 642 16.17 -4.28 26.87
CA LEU A 642 16.86 -5.03 25.83
C LEU A 642 18.13 -4.28 25.43
N ALA A 643 18.05 -2.96 25.32
CA ALA A 643 19.20 -2.16 24.87
C ALA A 643 20.33 -2.25 25.89
N VAL A 644 20.01 -1.94 27.14
CA VAL A 644 21.02 -1.88 28.18
C VAL A 644 21.51 -3.28 28.53
N HIS A 645 20.62 -4.26 28.62
CA HIS A 645 21.05 -5.59 29.04
C HIS A 645 22.10 -6.18 28.10
N PHE A 646 21.88 -6.03 26.81
CA PHE A 646 22.74 -6.65 25.80
C PHE A 646 23.72 -5.67 25.12
N LEU A 647 23.96 -4.51 25.71
CA LEU A 647 24.73 -3.45 25.05
C LEU A 647 26.06 -3.93 24.44
N PRO A 648 26.91 -4.62 25.22
CA PRO A 648 28.13 -5.14 24.58
C PRO A 648 27.84 -6.06 23.38
N LYS A 649 26.82 -6.91 23.47
CA LYS A 649 26.53 -7.83 22.36
C LYS A 649 25.90 -7.12 21.14
N TRP A 650 25.21 -6.00 21.36
CA TRP A 650 24.71 -5.20 20.24
C TRP A 650 25.90 -4.63 19.45
N HIS A 651 26.90 -4.16 20.17
CA HIS A 651 28.13 -3.68 19.54
C HIS A 651 28.81 -4.80 18.74
N GLU A 652 28.85 -6.00 19.31
CA GLU A 652 29.52 -7.14 18.68
C GLU A 652 28.80 -7.61 17.43
N LEU A 653 27.47 -7.67 17.51
CA LEU A 653 26.65 -8.03 16.36
C LEU A 653 26.81 -6.98 15.26
N ASN A 654 26.87 -5.70 15.64
CA ASN A 654 27.15 -4.62 14.70
C ASN A 654 28.46 -4.87 13.95
N ARG A 655 29.51 -5.21 14.70
CA ARG A 655 30.84 -5.41 14.13
C ARG A 655 30.82 -6.59 13.15
N GLN A 656 30.15 -7.67 13.54
CA GLN A 656 30.07 -8.85 12.68
C GLN A 656 29.34 -8.52 11.39
N ALA A 657 28.25 -7.77 11.49
CA ALA A 657 27.48 -7.35 10.31
C ALA A 657 28.31 -6.47 9.39
N ALA A 658 29.07 -5.54 9.96
CA ALA A 658 29.92 -4.67 9.17
C ALA A 658 30.97 -5.47 8.39
N LYS A 659 31.57 -6.45 9.05
CA LYS A 659 32.59 -7.26 8.42
C LYS A 659 32.00 -8.03 7.24
N GLN A 660 30.79 -8.56 7.41
CA GLN A 660 30.17 -9.39 6.38
C GLN A 660 29.63 -8.57 5.21
N GLU A 661 29.22 -7.33 5.48
CA GLU A 661 28.79 -6.44 4.41
C GLU A 661 29.95 -6.21 3.46
N ASN A 662 31.16 -6.18 4.01
CA ASN A 662 32.36 -6.24 3.17
C ASN A 662 32.46 -5.08 2.17
N GLN A 663 32.05 -3.91 2.61
CA GLN A 663 32.14 -2.68 1.80
C GLN A 663 31.38 -2.77 0.46
N SER A 664 30.39 -3.66 0.41
CA SER A 664 29.54 -3.77 -0.76
C SER A 664 28.33 -2.87 -0.59
N TYR A 665 28.50 -1.59 -0.92
CA TYR A 665 27.51 -0.57 -0.51
C TYR A 665 26.33 -0.41 -1.48
N GLU A 666 26.48 -0.95 -2.68
CA GLU A 666 25.36 -0.97 -3.59
C GLU A 666 24.25 -1.88 -3.10
N TYR A 667 23.06 -1.68 -3.66
CA TYR A 667 21.95 -2.52 -3.29
C TYR A 667 22.15 -3.95 -3.79
N SER A 668 22.02 -4.91 -2.88
CA SER A 668 21.80 -6.30 -3.23
C SER A 668 21.06 -6.89 -2.05
N PRO A 669 20.27 -7.95 -2.28
CA PRO A 669 19.58 -8.53 -1.13
C PRO A 669 20.54 -9.04 -0.05
N GLU A 670 21.66 -9.58 -0.49
CA GLU A 670 22.67 -10.12 0.43
C GLU A 670 23.24 -9.05 1.37
N ALA A 671 23.78 -7.99 0.79
CA ALA A 671 24.34 -6.88 1.57
C ALA A 671 23.27 -6.17 2.41
N ALA A 672 22.06 -6.08 1.88
CA ALA A 672 20.98 -5.41 2.57
C ALA A 672 20.62 -6.13 3.86
N GLY A 673 20.71 -7.45 3.85
CA GLY A 673 20.40 -8.22 5.05
C GLY A 673 21.33 -7.86 6.19
N TRP A 674 22.61 -7.74 5.89
CA TRP A 674 23.58 -7.35 6.90
C TRP A 674 23.32 -5.93 7.39
N ARG A 675 22.97 -5.03 6.49
CA ARG A 675 22.71 -3.65 6.90
C ARG A 675 21.45 -3.55 7.73
N THR A 676 20.43 -4.36 7.43
CA THR A 676 19.22 -4.39 8.24
C THR A 676 19.57 -4.75 9.68
N LEU A 677 20.41 -5.78 9.86
CA LEU A 677 20.80 -6.20 11.19
C LEU A 677 21.63 -5.10 11.87
N ARG A 678 22.57 -4.54 11.13
CA ARG A 678 23.37 -3.44 11.64
C ARG A 678 22.52 -2.28 12.18
N ASN A 679 21.45 -1.96 11.48
CA ASN A 679 20.62 -0.83 11.87
C ASN A 679 19.77 -1.15 13.11
N VAL A 680 19.42 -2.42 13.29
CA VAL A 680 18.78 -2.83 14.55
C VAL A 680 19.75 -2.64 15.72
N CYS A 681 21.00 -3.05 15.51
CA CYS A 681 22.04 -2.93 16.53
C CYS A 681 22.27 -1.46 16.88
N ARG A 682 22.36 -0.61 15.87
CA ARG A 682 22.54 0.82 16.12
C ARG A 682 21.43 1.41 16.97
N ALA A 683 20.21 1.01 16.70
CA ALA A 683 19.08 1.52 17.46
C ALA A 683 19.20 1.15 18.94
N PHE A 684 19.58 -0.08 19.22
CA PHE A 684 19.71 -0.52 20.59
C PHE A 684 20.92 0.16 21.24
N VAL A 685 22.05 0.25 20.54
CA VAL A 685 23.22 0.88 21.13
C VAL A 685 22.93 2.32 21.56
N LEU A 686 22.26 3.08 20.71
CA LEU A 686 22.09 4.49 20.98
C LEU A 686 20.96 4.75 21.98
N ARG A 687 20.15 3.71 22.25
CA ARG A 687 19.19 3.74 23.37
C ARG A 687 19.92 3.59 24.69
N ALA A 688 20.83 2.63 24.74
CA ALA A 688 21.52 2.30 25.98
C ALA A 688 22.59 3.32 26.34
N ASP A 689 23.26 3.81 25.30
CA ASP A 689 24.35 4.75 25.47
C ASP A 689 24.20 5.94 24.54
N PRO A 690 23.28 6.85 24.87
CA PRO A 690 23.06 8.03 24.02
C PRO A 690 24.32 8.86 23.77
N ALA A 691 25.30 8.83 24.67
CA ALA A 691 26.55 9.57 24.47
C ALA A 691 27.36 9.06 23.29
N HIS A 692 27.08 7.84 22.86
CA HIS A 692 27.77 7.27 21.70
C HIS A 692 27.53 8.10 20.42
N ILE A 693 26.50 8.96 20.43
CA ILE A 693 26.21 9.84 19.29
C ILE A 693 27.41 10.76 18.97
N GLU A 694 28.18 11.17 19.97
CA GLU A 694 29.28 12.08 19.66
C GLU A 694 30.41 11.31 18.98
N THR A 695 30.53 10.02 19.29
CA THR A 695 31.51 9.16 18.66
C THR A 695 31.11 8.92 17.21
N VAL A 696 29.82 8.69 17.04
CA VAL A 696 29.22 8.56 15.69
C VAL A 696 29.49 9.84 14.89
N ALA A 697 29.14 10.99 15.47
CA ALA A 697 29.30 12.26 14.75
C ALA A 697 30.74 12.50 14.31
N GLU A 698 31.72 12.11 15.15
CA GLU A 698 33.14 12.33 14.87
C GLU A 698 33.61 11.62 13.61
N LYS A 699 33.02 10.46 13.37
CA LYS A 699 33.39 9.63 12.23
C LYS A 699 32.24 9.51 11.23
N TYR A 700 31.37 10.51 11.19
CA TYR A 700 30.13 10.39 10.41
C TYR A 700 30.42 10.10 8.92
N GLY A 701 31.36 10.81 8.34
CA GLY A 701 31.66 10.63 6.93
C GLY A 701 32.11 9.22 6.60
N GLU A 702 32.90 8.63 7.50
CA GLU A 702 33.39 7.27 7.28
C GLU A 702 32.22 6.28 7.34
N MSE A 703 31.25 6.56 8.17
CA MSE A 703 30.16 5.61 8.27
CA MSE A 703 30.08 5.71 8.36
C MSE A 703 29.10 5.83 7.18
O MSE A 703 28.41 4.87 6.83
CB MSE A 703 29.54 5.67 9.66
CB MSE A 703 29.41 6.11 9.67
CG MSE A 703 30.44 4.99 10.68
CG MSE A 703 28.07 5.46 9.96
SE MSE A 703 29.50 4.25 12.18
SE MSE A 703 26.57 6.29 9.03
CE MSE A 703 28.85 5.95 12.87
CE MSE A 703 26.67 8.09 9.76
H MSE A 703 31.19 7.26 8.67
H MSE A 703 31.23 7.27 8.65
HA MSE A 703 30.53 4.72 8.16
HA MSE A 703 30.38 4.80 8.44
HB2 MSE A 703 29.41 6.59 9.92
HB2 MSE A 703 30.00 5.87 10.40
HB3 MSE A 703 28.68 5.20 9.65
HB3 MSE A 703 29.27 7.07 9.67
HG2 MSE A 703 30.92 4.27 10.24
HG2 MSE A 703 28.11 4.53 9.69
HG3 MSE A 703 31.07 5.65 11.02
HG3 MSE A 703 27.90 5.52 10.92
HE1 MSE A 703 28.33 5.79 13.67
HE1 MSE A 703 25.97 8.63 9.37
HE2 MSE A 703 29.61 6.51 13.08
HE2 MSE A 703 26.57 8.04 10.72
HE3 MSE A 703 28.30 6.38 12.19
HE3 MSE A 703 27.54 8.47 9.54
N ALA A 704 29.05 7.03 6.60
CA ALA A 704 27.99 7.37 5.66
C ALA A 704 28.32 6.87 4.25
N GLN A 705 28.42 5.54 4.09
CA GLN A 705 28.88 4.99 2.81
C GLN A 705 27.71 4.76 1.84
N ASN A 706 26.49 4.81 2.38
CA ASN A 706 25.28 4.88 1.56
C ASN A 706 24.14 5.39 2.43
N MSE A 707 22.99 5.57 1.82
CA MSE A 707 21.83 6.14 2.53
C MSE A 707 21.25 5.15 3.53
O MSE A 707 20.65 5.57 4.54
CB MSE A 707 20.79 6.59 1.53
CG MSE A 707 19.55 7.15 2.15
SE MSE A 707 19.88 8.67 3.24
CE MSE A 707 20.46 9.91 1.95
H MSE A 707 22.84 5.38 1.00
HA MSE A 707 22.13 6.93 3.01
HB2 MSE A 707 21.17 7.27 0.96
HB3 MSE A 707 20.52 5.82 1.00
HG2 MSE A 707 18.94 7.41 1.44
HG3 MSE A 707 19.14 6.48 2.70
HE1 MSE A 707 20.67 10.75 2.38
HE2 MSE A 707 21.25 9.56 1.51
HE3 MSE A 707 19.76 10.04 1.30
N THR A 708 21.43 3.86 3.32
CA THR A 708 20.96 2.90 4.33
C THR A 708 21.67 3.13 5.64
N HIS A 709 22.98 3.43 5.56
CA HIS A 709 23.72 3.76 6.77
C HIS A 709 23.36 5.12 7.34
N GLU A 710 23.26 6.18 6.53
CA GLU A 710 22.89 7.50 7.09
C GLU A 710 21.51 7.42 7.72
N TRP A 711 20.53 6.83 7.01
CA TRP A 711 19.18 6.70 7.55
C TRP A 711 19.17 5.88 8.82
N GLY A 712 19.92 4.78 8.84
CA GLY A 712 19.98 3.93 10.01
C GLY A 712 20.56 4.64 11.22
N ILE A 713 21.60 5.43 11.02
CA ILE A 713 22.20 6.18 12.10
CA ILE A 713 22.19 6.17 12.13
C ILE A 713 21.27 7.32 12.56
N LEU A 714 20.73 8.08 11.61
CA LEU A 714 19.87 9.19 12.00
C LEU A 714 18.60 8.67 12.68
N SER A 715 18.07 7.53 12.23
CA SER A 715 16.93 6.93 12.89
CA SER A 715 16.92 6.93 12.89
C SER A 715 17.27 6.54 14.32
N ALA A 716 18.43 5.95 14.51
CA ALA A 716 18.87 5.47 15.81
C ALA A 716 19.00 6.61 16.83
N VAL A 717 19.45 7.77 16.38
CA VAL A 717 19.68 8.89 17.29
C VAL A 717 18.51 9.87 17.34
N ASN A 718 17.45 9.61 16.56
CA ASN A 718 16.43 10.63 16.33
C ASN A 718 15.69 11.07 17.58
N GLY A 719 15.56 10.17 18.54
CA GLY A 719 14.91 10.50 19.79
C GLY A 719 15.84 11.00 20.89
N ASN A 720 17.14 11.11 20.60
CA ASN A 720 18.27 11.54 21.51
CA ASN A 720 18.01 11.46 21.70
C ASN A 720 18.10 12.98 21.88
N GLU A 721 18.22 13.36 23.15
CA GLU A 721 18.04 14.77 23.51
C GLU A 721 19.31 15.60 23.35
N SER A 722 20.38 15.01 22.82
CA SER A 722 21.58 15.79 22.59
C SER A 722 21.37 16.77 21.48
N ASP A 723 22.05 17.90 21.61
CA ASP A 723 22.11 18.91 20.58
C ASP A 723 22.71 18.33 19.33
N THR A 724 23.54 17.32 19.48
CA THR A 724 24.17 16.70 18.34
C THR A 724 23.14 16.08 17.42
N ARG A 725 22.04 15.55 17.96
CA ARG A 725 21.00 15.02 17.10
C ARG A 725 20.52 16.12 16.14
N ASN A 726 20.26 17.29 16.69
CA ASN A 726 19.77 18.41 15.90
C ASN A 726 20.81 18.83 14.85
N ARG A 727 22.08 18.83 15.24
CA ARG A 727 23.16 19.22 14.32
C ARG A 727 23.26 18.21 13.16
N LEU A 728 23.21 16.92 13.46
CA LEU A 728 23.31 15.92 12.39
C LEU A 728 22.16 16.02 11.42
N LEU A 729 20.95 16.25 11.92
CA LEU A 729 19.81 16.45 11.03
C LEU A 729 19.98 17.69 10.16
N ALA A 730 20.47 18.79 10.74
CA ALA A 730 20.72 19.98 9.96
C ALA A 730 21.76 19.73 8.88
N GLN A 731 22.79 18.93 9.18
CA GLN A 731 23.82 18.69 8.20
C GLN A 731 23.29 17.81 7.09
N PHE A 732 22.42 16.87 7.45
CA PHE A 732 21.76 16.00 6.47
C PHE A 732 20.94 16.82 5.48
N ALA A 733 20.14 17.73 6.00
CA ALA A 733 19.32 18.62 5.13
C ALA A 733 20.17 19.49 4.22
N ASP A 734 21.32 19.92 4.70
CA ASP A 734 22.24 20.73 3.91
C ASP A 734 22.88 19.89 2.79
N LYS A 735 23.38 18.71 3.16
CA LYS A 735 24.01 17.81 2.22
C LYS A 735 23.10 17.46 1.05
N PHE A 736 21.82 17.22 1.36
CA PHE A 736 20.92 16.63 0.39
C PHE A 736 19.80 17.60 0.02
N SER A 737 20.07 18.90 0.17
CA SER A 737 19.02 19.92 -0.01
C SER A 737 18.37 19.85 -1.39
N ASP A 738 19.16 19.46 -2.39
CA ASP A 738 18.71 19.39 -3.78
C ASP A 738 18.01 18.08 -4.19
N ASP A 739 17.86 17.14 -3.26
CA ASP A 739 17.24 15.86 -3.57
C ASP A 739 15.92 15.75 -2.81
N ALA A 740 14.80 15.93 -3.52
CA ALA A 740 13.53 16.03 -2.85
C ALA A 740 13.19 14.75 -2.09
N LEU A 741 13.59 13.59 -2.60
CA LEU A 741 13.26 12.34 -1.88
C LEU A 741 14.06 12.20 -0.60
N VAL A 742 15.26 12.75 -0.54
CA VAL A 742 16.02 12.73 0.70
C VAL A 742 15.45 13.77 1.67
N MSE A 743 14.99 14.92 1.17
CA MSE A 743 14.34 15.88 2.05
C MSE A 743 13.07 15.29 2.65
O MSE A 743 12.76 15.58 3.80
CB MSE A 743 14.07 17.20 1.32
CG MSE A 743 15.29 17.96 0.93
SE MSE A 743 16.39 18.35 2.43
CE MSE A 743 15.15 19.20 3.60
H MSE A 743 15.05 15.16 0.35
HA MSE A 743 14.95 16.08 2.78
HB2 MSE A 743 13.57 17.01 0.51
HB3 MSE A 743 13.53 17.77 1.90
HG2 MSE A 743 15.80 17.43 0.30
HG3 MSE A 743 15.03 18.80 0.52
HE1 MSE A 743 15.60 19.46 4.42
HE2 MSE A 743 14.80 20.00 3.17
HE3 MSE A 743 14.43 18.60 3.80
N ASP A 744 12.35 14.40 1.94
CA ASP A 744 11.26 13.66 2.58
C ASP A 744 11.75 12.90 3.83
N LYS A 745 12.93 12.28 3.76
CA LYS A 745 13.48 11.55 4.90
C LYS A 745 13.76 12.50 6.05
N TYR A 746 14.33 13.66 5.74
CA TYR A 746 14.59 14.69 6.77
C TYR A 746 13.27 15.03 7.49
N PHE A 747 12.22 15.32 6.73
CA PHE A 747 10.98 15.73 7.35
C PHE A 747 10.34 14.57 8.13
N ALA A 748 10.49 13.33 7.67
CA ALA A 748 10.01 12.18 8.45
C ALA A 748 10.74 12.06 9.80
N LEU A 749 12.03 12.27 9.82
CA LEU A 749 12.77 12.32 11.09
C LEU A 749 12.28 13.44 12.00
N VAL A 750 12.05 14.63 11.45
CA VAL A 750 11.52 15.69 12.25
C VAL A 750 10.19 15.31 12.89
N GLY A 751 9.26 14.79 12.10
CA GLY A 751 7.94 14.47 12.62
C GLY A 751 7.85 13.27 13.54
N SER A 752 8.80 12.35 13.47
CA SER A 752 8.70 11.07 14.17
C SER A 752 9.50 11.02 15.48
N SER A 753 10.26 12.08 15.78
CA SER A 753 11.15 12.08 16.96
C SER A 753 10.40 11.97 18.27
N ARG A 754 10.93 11.15 19.17
CA ARG A 754 10.40 11.00 20.50
C ARG A 754 10.95 12.05 21.47
N ARG A 755 11.81 12.94 20.99
CA ARG A 755 12.27 14.07 21.81
C ARG A 755 11.10 14.88 22.34
N SER A 756 11.31 15.63 23.42
CA SER A 756 10.21 16.37 24.00
C SER A 756 9.71 17.56 23.15
N ASP A 757 10.58 18.10 22.31
CA ASP A 757 10.29 19.34 21.58
C ASP A 757 9.77 19.14 20.14
N THR A 758 9.28 17.95 19.83
CA THR A 758 8.94 17.62 18.44
C THR A 758 7.85 18.54 17.86
N LEU A 759 6.83 18.90 18.62
CA LEU A 759 5.79 19.73 18.04
C LEU A 759 6.37 21.07 17.54
N GLN A 760 7.25 21.71 18.29
CA GLN A 760 7.73 22.99 17.80
C GLN A 760 8.72 22.80 16.67
N GLN A 761 9.49 21.72 16.68
CA GLN A 761 10.38 21.49 15.54
C GLN A 761 9.56 21.22 14.28
N VAL A 762 8.44 20.50 14.43
CA VAL A 762 7.53 20.26 13.29
C VAL A 762 6.97 21.58 12.77
N ARG A 763 6.59 22.46 13.67
CA ARG A 763 5.99 23.74 13.22
C ARG A 763 7.03 24.61 12.53
N THR A 764 8.29 24.57 12.98
CA THR A 764 9.36 25.25 12.22
C THR A 764 9.53 24.60 10.84
N ALA A 765 9.49 23.28 10.79
CA ALA A 765 9.70 22.57 9.52
C ALA A 765 8.65 22.91 8.47
N LEU A 766 7.45 23.26 8.91
CA LEU A 766 6.42 23.71 7.98
C LEU A 766 6.85 24.89 7.12
N GLN A 767 7.83 25.66 7.63
CA GLN A 767 8.29 26.89 6.97
C GLN A 767 9.65 26.71 6.34
N HIS A 768 10.12 25.46 6.32
CA HIS A 768 11.40 25.14 5.69
C HIS A 768 11.27 25.40 4.19
N PRO A 769 12.30 25.99 3.58
CA PRO A 769 12.14 26.35 2.16
C PRO A 769 11.92 25.16 1.24
N LYS A 770 12.29 23.96 1.67
CA LYS A 770 12.05 22.76 0.86
C LYS A 770 10.74 22.05 1.21
N PHE A 771 10.01 22.53 2.22
CA PHE A 771 8.71 21.97 2.53
C PHE A 771 7.62 22.62 1.71
N SER A 772 6.68 21.80 1.25
CA SER A 772 5.48 22.28 0.63
C SER A 772 4.32 21.44 1.09
N LEU A 773 3.33 22.08 1.70
CA LEU A 773 2.15 21.37 2.16
C LEU A 773 1.34 20.80 1.00
N GLU A 774 1.45 21.44 -0.16
CA GLU A 774 0.70 21.02 -1.35
C GLU A 774 1.35 19.84 -2.06
N ASN A 775 2.50 19.37 -1.57
CA ASN A 775 3.16 18.19 -2.11
C ASN A 775 2.85 16.98 -1.22
N PRO A 776 2.16 15.96 -1.76
CA PRO A 776 1.75 14.87 -0.86
C PRO A 776 2.92 14.15 -0.20
N ASN A 777 4.04 13.99 -0.89
CA ASN A 777 5.18 13.34 -0.28
C ASN A 777 5.67 14.10 0.96
N LYS A 778 5.72 15.43 0.85
CA LYS A 778 6.18 16.26 1.96
C LYS A 778 5.15 16.24 3.10
N ALA A 779 3.87 16.40 2.78
CA ALA A 779 2.85 16.42 3.80
C ALA A 779 2.82 15.09 4.56
N ARG A 780 2.87 14.00 3.82
N ARG A 780 2.87 13.99 3.84
CA ARG A 780 2.93 12.67 4.42
CA ARG A 780 2.92 12.67 4.47
C ARG A 780 4.17 12.49 5.31
C ARG A 780 4.18 12.54 5.35
N SER A 781 5.33 12.92 4.82
CA SER A 781 6.56 12.78 5.58
C SER A 781 6.53 13.54 6.91
N LEU A 782 6.18 14.81 6.90
CA LEU A 782 6.21 15.61 8.13
C LEU A 782 4.97 15.40 8.98
N ILE A 783 3.81 15.67 8.40
CA ILE A 783 2.56 15.71 9.16
C ILE A 783 2.06 14.30 9.40
N GLY A 784 2.10 13.46 8.39
CA GLY A 784 1.74 12.07 8.56
C GLY A 784 2.59 11.41 9.65
N SER A 785 3.91 11.60 9.61
CA SER A 785 4.79 11.04 10.63
C SER A 785 4.40 11.56 12.01
N PHE A 786 4.08 12.84 12.14
CA PHE A 786 3.72 13.38 13.45
C PHE A 786 2.44 12.73 13.94
N SER A 787 1.48 12.49 13.03
CA SER A 787 0.20 11.90 13.42
C SER A 787 0.31 10.46 13.92
N ARG A 788 1.41 9.79 13.58
CA ARG A 788 1.69 8.41 14.00
C ARG A 788 2.71 8.36 15.15
N ASN A 789 3.12 9.52 15.64
CA ASN A 789 4.11 9.68 16.69
C ASN A 789 3.39 9.64 18.02
N VAL A 790 3.32 8.45 18.61
CA VAL A 790 2.38 8.20 19.69
C VAL A 790 2.45 9.18 20.86
N PRO A 791 3.65 9.44 21.41
CA PRO A 791 3.65 10.35 22.57
C PRO A 791 3.26 11.80 22.26
N HIS A 792 3.44 12.22 21.02
CA HIS A 792 3.15 13.59 20.64
C HIS A 792 1.76 13.76 20.09
N PHE A 793 1.33 12.87 19.20
CA PHE A 793 -0.02 12.95 18.71
C PHE A 793 -1.04 12.82 19.84
N HIS A 794 -0.76 11.89 20.74
CA HIS A 794 -1.65 11.58 21.88
C HIS A 794 -1.23 12.31 23.15
N ALA A 795 -0.51 13.41 23.02
CA ALA A 795 -0.16 14.24 24.19
C ALA A 795 -1.42 14.55 25.00
N GLU A 796 -1.32 14.48 26.33
CA GLU A 796 -2.47 14.63 27.21
C GLU A 796 -3.11 16.02 27.08
N ASP A 797 -2.33 17.04 26.73
CA ASP A 797 -2.89 18.39 26.68
C ASP A 797 -3.71 18.62 25.38
N GLY A 798 -3.71 17.62 24.49
CA GLY A 798 -4.45 17.69 23.25
C GLY A 798 -3.78 18.47 22.12
N SER A 799 -2.54 18.92 22.33
CA SER A 799 -1.85 19.72 21.33
C SER A 799 -1.66 18.95 20.04
N GLY A 800 -1.45 17.64 20.13
CA GLY A 800 -1.27 16.85 18.93
C GLY A 800 -2.54 16.76 18.13
N TYR A 801 -3.65 16.56 18.83
CA TYR A 801 -4.93 16.47 18.16
C TYR A 801 -5.30 17.78 17.49
N ARG A 802 -5.10 18.89 18.21
CA ARG A 802 -5.43 20.21 17.67
C ARG A 802 -4.58 20.47 16.43
N PHE A 803 -3.30 20.12 16.47
CA PHE A 803 -2.42 20.39 15.35
C PHE A 803 -2.85 19.59 14.11
N ILE A 804 -3.08 18.29 14.28
CA ILE A 804 -3.46 17.46 13.15
C ILE A 804 -4.83 17.91 12.63
N ALA A 805 -5.77 18.26 13.51
CA ALA A 805 -7.07 18.70 13.02
C ALA A 805 -6.95 19.99 12.18
N ASP A 806 -6.11 20.92 12.63
CA ASP A 806 -5.79 22.15 11.89
C ASP A 806 -5.30 21.77 10.48
N LYS A 807 -4.39 20.81 10.38
CA LYS A 807 -3.82 20.46 9.08
C LYS A 807 -4.80 19.70 8.19
N VAL A 808 -5.70 18.88 8.76
CA VAL A 808 -6.77 18.26 7.96
C VAL A 808 -7.60 19.38 7.31
N ILE A 809 -7.99 20.36 8.11
CA ILE A 809 -8.79 21.48 7.64
C ILE A 809 -8.05 22.25 6.53
N GLU A 810 -6.77 22.55 6.74
CA GLU A 810 -5.98 23.31 5.77
C GLU A 810 -5.80 22.51 4.46
N ILE A 811 -5.39 21.25 4.59
CA ILE A 811 -5.10 20.43 3.40
C ILE A 811 -6.38 20.18 2.63
N ASP A 812 -7.50 20.03 3.34
CA ASP A 812 -8.77 19.72 2.66
C ASP A 812 -9.19 20.79 1.66
N ARG A 813 -8.68 22.01 1.82
CA ARG A 813 -9.03 23.10 0.96
C ARG A 813 -8.47 22.89 -0.47
N PHE A 814 -7.43 22.07 -0.61
CA PHE A 814 -6.85 21.85 -1.94
C PHE A 814 -6.63 20.38 -2.29
N ASN A 815 -6.55 19.48 -1.30
CA ASN A 815 -6.36 18.04 -1.62
C ASN A 815 -7.11 17.16 -0.62
N PRO A 816 -8.39 16.92 -0.91
CA PRO A 816 -9.21 16.11 -0.02
C PRO A 816 -8.69 14.69 0.16
N GLN A 817 -8.01 14.11 -0.83
CA GLN A 817 -7.50 12.74 -0.69
C GLN A 817 -6.46 12.64 0.38
N VAL A 818 -5.53 13.59 0.42
CA VAL A 818 -4.51 13.60 1.46
C VAL A 818 -5.15 13.86 2.83
N ALA A 819 -6.09 14.80 2.87
CA ALA A 819 -6.73 15.19 4.12
C ALA A 819 -7.54 14.00 4.68
N ALA A 820 -8.19 13.23 3.82
CA ALA A 820 -9.03 12.13 4.31
C ALA A 820 -8.19 10.95 4.83
N ARG A 821 -6.99 10.79 4.29
CA ARG A 821 -6.06 9.81 4.82
C ARG A 821 -5.52 10.30 6.18
N LEU A 822 -5.15 11.58 6.25
CA LEU A 822 -4.65 12.14 7.51
C LEU A 822 -5.63 12.05 8.66
N VAL A 823 -6.91 12.33 8.37
CA VAL A 823 -7.90 12.42 9.44
C VAL A 823 -8.15 11.05 10.09
N GLN A 824 -7.74 9.98 9.42
CA GLN A 824 -7.82 8.63 9.99
C GLN A 824 -6.83 8.41 11.14
N ALA A 825 -5.98 9.39 11.38
CA ALA A 825 -5.16 9.40 12.61
C ALA A 825 -6.07 9.36 13.83
N PHE A 826 -7.28 9.85 13.65
CA PHE A 826 -8.24 9.89 14.77
C PHE A 826 -9.08 8.62 14.96
N ASN A 827 -8.84 7.58 14.15
CA ASN A 827 -9.70 6.40 14.16
C ASN A 827 -9.82 5.69 15.51
N LEU A 828 -8.85 5.88 16.41
CA LEU A 828 -8.88 5.19 17.71
C LEU A 828 -9.86 5.85 18.69
N CYS A 829 -10.41 6.99 18.30
CA CYS A 829 -11.31 7.82 19.13
C CYS A 829 -12.14 7.08 20.18
N ASN A 830 -12.98 6.15 19.80
CA ASN A 830 -13.93 5.61 20.68
C ASN A 830 -13.35 4.56 21.59
N LYS A 831 -12.11 4.21 21.37
CA LYS A 831 -11.38 3.27 22.20
C LYS A 831 -10.40 3.94 23.20
N LEU A 832 -10.31 5.27 23.16
CA LEU A 832 -9.45 6.04 24.07
C LEU A 832 -10.07 6.23 25.45
N GLU A 833 -9.19 6.43 26.42
CA GLU A 833 -9.57 6.80 27.77
C GLU A 833 -10.31 8.15 27.70
N PRO A 834 -11.15 8.45 28.69
CA PRO A 834 -12.14 9.53 28.50
C PRO A 834 -11.59 10.91 28.20
N HIS A 835 -10.46 11.28 28.78
CA HIS A 835 -9.93 12.60 28.58
C HIS A 835 -9.51 12.84 27.13
N ARG A 836 -8.73 11.93 26.59
CA ARG A 836 -8.33 12.03 25.20
C ARG A 836 -9.52 11.85 24.26
N LYS A 837 -10.42 10.93 24.57
CA LYS A 837 -11.62 10.75 23.72
C LYS A 837 -12.38 12.08 23.59
N ASN A 838 -12.54 12.79 24.70
CA ASN A 838 -13.22 14.07 24.70
C ASN A 838 -12.52 15.05 23.74
N LEU A 839 -11.20 15.08 23.81
CA LEU A 839 -10.44 16.02 22.96
C LEU A 839 -10.48 15.63 21.49
N VAL A 840 -10.44 14.33 21.20
CA VAL A 840 -10.51 13.84 19.83
C VAL A 840 -11.89 14.17 19.26
N LYS A 841 -12.95 13.97 20.04
CA LYS A 841 -14.30 14.32 19.54
C LYS A 841 -14.41 15.81 19.28
N GLN A 842 -13.81 16.65 20.13
CA GLN A 842 -13.83 18.09 19.89
C GLN A 842 -13.12 18.42 18.56
N ALA A 843 -12.00 17.75 18.31
CA ALA A 843 -11.24 17.98 17.08
C ALA A 843 -12.05 17.57 15.84
N LEU A 844 -12.69 16.41 15.91
CA LEU A 844 -13.52 15.94 14.81
C LEU A 844 -14.74 16.81 14.58
N GLN A 845 -15.38 17.28 15.66
CA GLN A 845 -16.50 18.19 15.51
C GLN A 845 -16.07 19.49 14.85
N ARG A 846 -14.87 19.99 15.18
CA ARG A 846 -14.35 21.22 14.56
C ARG A 846 -14.09 21.02 13.03
N ILE A 847 -13.57 19.87 12.67
CA ILE A 847 -13.41 19.50 11.25
C ILE A 847 -14.78 19.47 10.58
N ARG A 848 -15.72 18.78 11.20
CA ARG A 848 -17.09 18.71 10.64
C ARG A 848 -17.74 20.09 10.46
N ALA A 849 -17.44 21.05 11.34
CA ALA A 849 -18.07 22.37 11.28
C ALA A 849 -17.53 23.26 10.17
N GLN A 850 -16.49 22.81 9.49
CA GLN A 850 -15.93 23.55 8.35
C GLN A 850 -16.87 23.71 7.17
N GLU A 851 -17.14 24.94 6.76
CA GLU A 851 -17.88 25.19 5.53
C GLU A 851 -17.11 24.60 4.36
N GLY A 852 -17.81 23.88 3.50
CA GLY A 852 -17.24 23.34 2.27
C GLY A 852 -16.32 22.14 2.47
N LEU A 853 -16.38 21.53 3.65
CA LEU A 853 -15.62 20.29 3.91
C LEU A 853 -15.90 19.28 2.80
N SER A 854 -14.84 18.63 2.28
CA SER A 854 -15.01 17.62 1.23
C SER A 854 -15.88 16.45 1.65
N LYS A 855 -16.51 15.84 0.66
CA LYS A 855 -17.18 14.57 0.86
C LYS A 855 -16.18 13.53 1.36
N ASP A 856 -14.93 13.58 0.88
CA ASP A 856 -13.92 12.62 1.31
C ASP A 856 -13.73 12.62 2.84
N VAL A 857 -13.45 13.79 3.38
CA VAL A 857 -13.19 13.90 4.80
C VAL A 857 -14.49 13.69 5.57
N GLY A 858 -15.59 14.22 5.05
CA GLY A 858 -16.86 14.12 5.77
C GLY A 858 -17.27 12.66 5.96
N GLU A 859 -17.00 11.83 4.95
CA GLU A 859 -17.37 10.42 5.08
C GLU A 859 -16.61 9.76 6.22
N ILE A 860 -15.32 10.04 6.31
CA ILE A 860 -14.51 9.44 7.37
C ILE A 860 -14.93 9.97 8.76
N VAL A 861 -15.11 11.30 8.87
CA VAL A 861 -15.46 11.89 10.15
C VAL A 861 -16.80 11.33 10.61
N GLY A 862 -17.75 11.15 9.70
CA GLY A 862 -19.02 10.58 10.09
C GLY A 862 -18.90 9.17 10.65
N LYS A 863 -18.02 8.37 10.04
CA LYS A 863 -17.81 7.00 10.52
C LYS A 863 -17.22 6.95 11.93
N ILE A 864 -16.34 7.89 12.25
CA ILE A 864 -15.73 7.94 13.56
C ILE A 864 -16.72 8.52 14.58
N LEU A 865 -17.35 9.65 14.25
CA LEU A 865 -18.25 10.34 15.20
C LEU A 865 -19.63 9.79 15.41
N ASP A 866 -20.26 9.34 14.34
CA ASP A 866 -21.68 9.03 14.38
C ASP A 866 -21.94 7.55 14.60
CAO 37B B . -0.29 1.46 -5.60
CAP 37B B . 0.07 2.32 -4.40
OAY 37B B . -0.22 3.66 -4.62
OAX 37B B . -0.70 1.84 -3.30
CAE 37B B . -0.68 2.21 -6.89
PAD 37B B . -1.96 1.28 -7.80
OAF 37B B . -1.46 0.46 -9.06
OAG 37B B . -2.70 0.37 -6.91
CAB 37B B . -3.12 2.44 -8.54
NAC 37B B . -4.11 1.60 -9.25
CAA 37B B . -3.68 3.39 -7.54
CAH 37B B . -4.62 4.43 -8.15
CAI 37B B . -4.57 5.93 -7.72
CAJ 37B B . -3.40 6.72 -7.95
CAK 37B B . -3.38 8.07 -7.58
CAL 37B B . -4.51 8.65 -6.99
CAM 37B B . -5.70 7.87 -6.77
CAN 37B B . -5.73 6.50 -7.14
CAQ 37B B . 0.87 0.58 -5.93
CAR 37B B . 1.13 -0.55 -4.87
CAS 37B B . 0.19 -0.91 -3.91
CAT 37B B . 0.47 -1.91 -3.00
CAU 37B B . 1.66 -2.58 -3.05
CAV 37B B . 2.59 -2.24 -4.00
CAW 37B B . 2.33 -1.24 -4.91
HAO1 37B B . -1.06 0.89 -5.34
HAY1 37B B . -0.45 4.06 -3.83
HAE1 37B B . 0.12 2.32 -7.46
HAE2 37B B . -1.03 3.09 -6.66
HAF1 37B B . -1.75 -0.40 -9.00
HAB1 37B B . -2.63 2.96 -9.21
HAC2 37B B . -4.13 1.84 -10.14
HAC1 37B B . -4.93 1.73 -8.88
HAA2 37B B . -2.95 3.85 -7.09
HAA1 37B B . -4.18 2.89 -6.88
HAH1 37B B . -4.47 4.40 -9.11
HAH2 37B B . -5.54 4.12 -7.99
HAJ1 37B B . -2.61 6.30 -8.36
HAK1 37B B . -2.56 8.62 -7.73
HAL1 37B B . -4.50 9.61 -6.73
HAM1 37B B . -6.48 8.28 -6.36
HAN1 37B B . -6.54 5.96 -7.00
HAQ2 37B B . 1.67 1.13 -5.99
HAQ1 37B B . 0.71 0.16 -6.79
HAS1 37B B . -0.65 -0.44 -3.87
HAT1 37B B . -0.18 -2.15 -2.34
HAU1 37B B . 1.85 -3.28 -2.43
HAV1 37B B . 3.46 -2.72 -4.05
HAW1 37B B . 2.98 -1.00 -5.57
ZN ZN C . -2.60 -1.38 -8.17
C1 GOL D . 17.21 -9.67 -24.67
O1 GOL D . 16.49 -10.81 -25.06
C2 GOL D . 16.24 -8.49 -24.58
O2 GOL D . 15.15 -8.79 -23.71
C3 GOL D . 17.02 -7.25 -24.13
O3 GOL D . 17.63 -7.47 -22.88
H11 GOL D . 18.00 -9.45 -25.39
H12 GOL D . 17.67 -9.83 -23.69
HO1 GOL D . 17.11 -11.56 -25.18
H2 GOL D . 15.86 -8.29 -25.59
HO2 GOL D . 15.49 -8.94 -22.80
H31 GOL D . 16.35 -6.39 -24.06
H32 GOL D . 17.79 -7.01 -24.86
HO3 GOL D . 16.94 -7.50 -22.18
C1 GOL E . -2.32 0.23 1.00
O1 GOL E . -1.82 -0.69 0.06
C2 GOL E . -3.45 1.03 0.38
O2 GOL E . -3.71 2.14 1.21
C3 GOL E . -3.10 1.50 -1.03
O3 GOL E . -1.90 2.22 -1.02
H11 GOL E . -1.52 0.90 1.31
H12 GOL E . -2.68 -0.31 1.88
HO1 GOL E . -1.05 -1.16 0.44
H2 GOL E . -4.34 0.40 0.33
HO2 GOL E . -2.92 2.72 1.25
H31 GOL E . -3.91 2.14 -1.41
H32 GOL E . -3.02 0.64 -1.69
HO3 GOL E . -1.14 1.59 -1.03
N1 IMD F . 4.67 -5.88 -30.31
C2 IMD F . 5.13 -6.50 -29.20
N3 IMD F . 4.12 -7.28 -28.72
C4 IMD F . 3.06 -7.13 -29.52
C5 IMD F . 3.39 -6.26 -30.52
HN1 IMD F . 5.14 -5.29 -30.84
H2 IMD F . 6.02 -6.41 -28.82
HN3 IMD F . 4.16 -7.82 -27.97
H4 IMD F . 2.20 -7.58 -29.41
H5 IMD F . 2.81 -5.96 -31.24
N1 IMD G . -11.07 17.32 -32.73
C2 IMD G . -10.09 16.40 -32.99
N3 IMD G . -10.34 15.29 -32.22
C4 IMD G . -11.44 15.53 -31.49
C5 IMD G . -11.89 16.80 -31.80
HN1 IMD G . -11.14 18.15 -33.10
H2 IMD G . -9.35 16.51 -33.62
HN3 IMD G . -9.85 14.52 -32.20
H4 IMD G . -11.85 14.92 -30.85
H5 IMD G . -12.68 17.23 -31.42
S SO4 H . 11.36 1.02 17.32
O1 SO4 H . 11.26 1.73 16.05
O2 SO4 H . 12.77 1.00 17.74
O3 SO4 H . 10.60 1.75 18.33
O4 SO4 H . 10.90 -0.36 17.14
S SO4 I . 8.29 -0.95 -36.13
O1 SO4 I . 8.72 -0.87 -37.53
O2 SO4 I . 8.89 0.14 -35.33
O3 SO4 I . 8.73 -2.20 -35.58
O4 SO4 I . 6.81 -0.78 -36.04
S SO4 J . 19.51 -10.72 -11.51
O1 SO4 J . 18.34 -11.16 -12.27
O2 SO4 J . 20.58 -10.35 -12.43
O3 SO4 J . 19.17 -9.55 -10.70
O4 SO4 J . 19.97 -11.80 -10.63
S SO4 K . -16.21 -22.22 -19.81
O1 SO4 K . -15.84 -20.82 -19.75
O2 SO4 K . -15.36 -22.90 -20.80
O3 SO4 K . -15.99 -22.88 -18.52
O4 SO4 K . -17.61 -22.32 -20.20
S SO4 L . -1.12 -14.20 24.22
O1 SO4 L . -1.09 -14.70 22.84
O2 SO4 L . -1.00 -12.75 24.20
O3 SO4 L . -0.03 -14.80 24.98
O4 SO4 L . -2.39 -14.54 24.84
S SO4 M . -18.43 7.05 21.90
O1 SO4 M . -19.61 6.52 21.17
O2 SO4 M . -17.22 6.91 21.07
O3 SO4 M . -18.25 6.28 23.16
O4 SO4 M . -18.64 8.47 22.23
S SO4 N . 17.61 -16.03 -1.37
O1 SO4 N . 16.98 -16.55 -2.58
O2 SO4 N . 18.97 -16.54 -1.26
O3 SO4 N . 16.85 -16.46 -0.20
O4 SO4 N . 17.67 -14.57 -1.43
#